data_2HU7
#
_entry.id   2HU7
#
_cell.length_a   63.682
_cell.length_b   103.989
_cell.length_c   168.594
_cell.angle_alpha   90.00
_cell.angle_beta   90.00
_cell.angle_gamma   90.00
#
_symmetry.space_group_name_H-M   'P 21 21 21'
#
loop_
_entity.id
_entity.type
_entity.pdbx_description
1 polymer 'Acylamino-acid-releasing enzyme'
2 non-polymer 'ACETYL GROUP'
3 non-polymer PHENYLALANINE
4 non-polymer GLYCEROL
5 water water
#
_entity_poly.entity_id   1
_entity_poly.type   'polypeptide(L)'
_entity_poly.pdbx_seq_one_letter_code
;MRIIMPVEFSRIVRDVERLIAVEKYSLQGVVDGDKLLVVGFSEGSVNAYLYDGGETVKLNREPINSVLDPHYGVGRVILV
RDVSKGAEQHALFKVNTSRPGEEQRLEAVKPMRILSGVDTGEAVVFTGATEDRVALYALDGGGLRELARLPGFGFVSDIR
GDLIAGLGFFGGGRVSLFTSNLSSGGLRVFDSGEGSFSSASISPGMKVTAGLETAREARLVTVDPRDGSVEDLELPSKDF
SSYRPTAITWLGYLPDGRLAVVARREGRSAVFIDGERVEAPQGNHGRVVLWRGKLVTSHTSLSTPPRIVSLPSGEPLLEG
GLPEDLRRSIAGSRLVWVESFDGSRVPTYVLESGRAPTPGPTVVLVHGGPFAEDSDSWDTFAASLAAAGFHVVMPNYRGS
TGYGEEWRLKIIGDPCGGELEDVSAAARWARESGLASELYIMGYSYGGYMTLCALTMKPGLFKAGVAGASVVDWEEMYEL
SDAAFRNFIEQLTGGSREIMRSRSPINHVDRIKEPLALIHPQNDSRTPLKPLLRLMGELLARGKTFEAHIIPDAGHAINT
MEDAVKILLPAVFFLATQRERR
;
_entity_poly.pdbx_strand_id   A,B
#
# COMPACT_ATOMS: atom_id res chain seq x y z
N PHE A 9 10.32 -0.85 -9.16
CA PHE A 9 10.64 -1.09 -10.62
C PHE A 9 9.50 -1.76 -11.40
N SER A 10 9.34 -1.34 -12.64
CA SER A 10 8.35 -1.91 -13.55
C SER A 10 8.74 -3.36 -13.94
N ARG A 11 10.04 -3.65 -14.01
CA ARG A 11 10.49 -5.02 -14.29
C ARG A 11 10.11 -5.98 -13.17
N ILE A 12 10.18 -5.52 -11.92
CA ILE A 12 9.73 -6.29 -10.76
C ILE A 12 8.24 -6.55 -10.83
N VAL A 13 7.48 -5.53 -11.17
CA VAL A 13 6.04 -5.69 -11.29
C VAL A 13 5.75 -6.77 -12.32
N ARG A 14 6.48 -6.75 -13.43
CA ARG A 14 6.20 -7.65 -14.53
C ARG A 14 6.52 -9.09 -14.14
N ASP A 15 7.67 -9.32 -13.53
CA ASP A 15 8.02 -10.65 -13.03
C ASP A 15 7.06 -11.16 -11.98
N VAL A 16 6.71 -10.32 -11.02
CA VAL A 16 5.74 -10.68 -9.98
C VAL A 16 4.41 -11.08 -10.60
N GLU A 17 3.96 -10.27 -11.55
CA GLU A 17 2.71 -10.52 -12.23
C GLU A 17 2.75 -11.87 -12.94
N ARG A 18 3.82 -12.10 -13.68
CA ARG A 18 3.92 -13.30 -14.51
C ARG A 18 4.04 -14.55 -13.69
N LEU A 19 4.65 -14.43 -12.51
CA LEU A 19 4.77 -15.54 -11.59
C LEU A 19 3.39 -15.85 -10.99
N ILE A 20 2.62 -14.83 -10.68
CA ILE A 20 1.27 -15.04 -10.14
C ILE A 20 0.37 -15.61 -11.23
N ALA A 21 0.52 -15.10 -12.45
CA ALA A 21 -0.37 -15.43 -13.56
C ALA A 21 -0.23 -16.87 -14.08
N VAL A 22 0.92 -17.50 -13.83
CA VAL A 22 1.14 -18.86 -14.27
C VAL A 22 0.05 -19.74 -13.64
N GLU A 23 -0.58 -20.55 -14.48
CA GLU A 23 -1.68 -21.37 -14.03
C GLU A 23 -1.17 -22.47 -13.12
N LYS A 24 -1.93 -22.75 -12.08
CA LYS A 24 -1.56 -23.73 -11.06
C LYS A 24 -2.79 -24.57 -10.84
N TYR A 25 -2.60 -25.88 -10.78
CA TYR A 25 -3.72 -26.81 -10.72
C TYR A 25 -3.62 -27.74 -9.53
N SER A 26 -4.76 -28.09 -8.96
CA SER A 26 -4.83 -29.15 -7.97
C SER A 26 -5.84 -30.18 -8.45
N LEU A 27 -5.53 -31.44 -8.20
CA LEU A 27 -6.37 -32.57 -8.56
C LEU A 27 -7.33 -32.89 -7.42
N GLN A 28 -8.62 -32.92 -7.75
CA GLN A 28 -9.69 -33.08 -6.77
C GLN A 28 -10.41 -34.43 -6.87
N GLY A 29 -10.50 -34.97 -8.08
CA GLY A 29 -11.10 -36.27 -8.28
C GLY A 29 -11.58 -36.52 -9.69
N VAL A 30 -12.48 -37.48 -9.82
CA VAL A 30 -13.05 -37.87 -11.10
C VAL A 30 -14.57 -37.77 -11.01
N VAL A 31 -15.18 -37.06 -11.96
CA VAL A 31 -16.62 -36.77 -11.90
C VAL A 31 -17.24 -36.99 -13.27
N ASP A 32 -18.54 -36.69 -13.39
CA ASP A 32 -19.23 -36.65 -14.70
C ASP A 32 -18.92 -37.89 -15.52
N GLY A 33 -18.92 -39.06 -14.87
CA GLY A 33 -18.50 -40.30 -15.50
C GLY A 33 -17.02 -40.60 -15.30
N ASP A 34 -16.18 -40.03 -16.16
CA ASP A 34 -14.72 -40.28 -16.16
C ASP A 34 -13.94 -39.04 -16.67
N LYS A 35 -14.25 -37.89 -16.08
CA LYS A 35 -13.56 -36.63 -16.35
C LYS A 35 -12.84 -36.17 -15.10
N LEU A 36 -11.60 -35.73 -15.23
CA LEU A 36 -10.87 -35.20 -14.08
C LEU A 36 -11.53 -33.93 -13.59
N LEU A 37 -11.67 -33.79 -12.27
CA LEU A 37 -12.09 -32.54 -11.66
C LEU A 37 -10.84 -31.87 -11.09
N VAL A 38 -10.55 -30.67 -11.55
CA VAL A 38 -9.40 -29.94 -11.09
C VAL A 38 -9.84 -28.57 -10.63
N VAL A 39 -9.14 -28.01 -9.66
CA VAL A 39 -9.23 -26.61 -9.35
C VAL A 39 -7.99 -25.96 -9.95
N GLY A 40 -8.20 -24.91 -10.74
CA GLY A 40 -7.10 -24.17 -11.32
C GLY A 40 -7.16 -22.71 -10.95
N PHE A 41 -6.04 -22.19 -10.49
CA PHE A 41 -5.83 -20.77 -10.54
C PHE A 41 -5.49 -20.40 -12.00
N SER A 42 -6.47 -19.84 -12.68
CA SER A 42 -6.38 -19.60 -14.11
C SER A 42 -7.26 -18.45 -14.53
N GLU A 43 -6.84 -17.75 -15.58
CA GLU A 43 -7.60 -16.61 -16.10
C GLU A 43 -7.91 -15.66 -14.94
N GLY A 44 -6.92 -15.46 -14.08
CA GLY A 44 -6.97 -14.45 -13.05
C GLY A 44 -7.65 -14.83 -11.75
N SER A 45 -8.14 -16.06 -11.60
CA SER A 45 -8.85 -16.42 -10.37
C SER A 45 -8.88 -17.92 -10.11
N VAL A 46 -9.39 -18.32 -8.95
CA VAL A 46 -9.51 -19.75 -8.63
C VAL A 46 -10.85 -20.22 -9.14
N ASN A 47 -10.82 -21.25 -9.98
CA ASN A 47 -12.01 -21.85 -10.59
C ASN A 47 -11.90 -23.37 -10.60
N ALA A 48 -13.02 -24.01 -10.92
CA ALA A 48 -13.13 -25.45 -11.08
C ALA A 48 -13.35 -25.86 -12.55
N TYR A 49 -12.67 -26.91 -12.97
CA TYR A 49 -12.74 -27.39 -14.34
C TYR A 49 -12.91 -28.89 -14.42
N LEU A 50 -13.54 -29.32 -15.50
CA LEU A 50 -13.49 -30.69 -15.97
C LEU A 50 -12.38 -30.75 -16.99
N TYR A 51 -11.59 -31.83 -16.98
CA TYR A 51 -10.62 -32.08 -18.03
C TYR A 51 -10.86 -33.49 -18.57
N ASP A 52 -10.97 -33.63 -19.87
CA ASP A 52 -11.17 -34.95 -20.47
C ASP A 52 -10.29 -35.16 -21.69
N GLY A 53 -9.10 -34.55 -21.69
CA GLY A 53 -8.09 -34.81 -22.71
C GLY A 53 -7.79 -33.66 -23.64
N GLY A 54 -8.66 -32.65 -23.64
CA GLY A 54 -8.53 -31.51 -24.52
C GLY A 54 -8.60 -30.25 -23.71
N GLU A 55 -9.53 -29.37 -24.04
CA GLU A 55 -9.67 -28.11 -23.34
C GLU A 55 -10.44 -28.36 -22.06
N THR A 56 -10.14 -27.57 -21.03
CA THR A 56 -10.92 -27.56 -19.81
C THR A 56 -12.29 -26.95 -20.06
N VAL A 57 -13.26 -27.39 -19.26
CA VAL A 57 -14.59 -26.79 -19.20
C VAL A 57 -14.77 -26.23 -17.81
N LYS A 58 -14.97 -24.91 -17.74
CA LYS A 58 -15.16 -24.20 -16.47
C LYS A 58 -16.53 -24.53 -15.88
N LEU A 59 -16.56 -24.93 -14.61
CA LEU A 59 -17.80 -25.36 -13.97
C LEU A 59 -18.50 -24.23 -13.21
N ASN A 60 -17.72 -23.40 -12.55
CA ASN A 60 -18.22 -22.27 -11.80
C ASN A 60 -18.43 -21.05 -12.69
N ARG A 61 -19.13 -20.06 -12.14
CA ARG A 61 -19.23 -18.75 -12.76
C ARG A 61 -18.15 -17.88 -12.08
N GLU A 62 -18.49 -17.27 -10.95
CA GLU A 62 -17.55 -16.41 -10.22
C GLU A 62 -16.48 -17.26 -9.53
N PRO A 63 -15.37 -16.62 -9.14
CA PRO A 63 -14.31 -17.32 -8.44
C PRO A 63 -14.77 -18.05 -7.17
N ILE A 64 -14.06 -19.11 -6.87
CA ILE A 64 -14.34 -19.94 -5.74
C ILE A 64 -13.12 -20.03 -4.86
N ASN A 65 -13.25 -20.83 -3.82
CA ASN A 65 -12.13 -21.13 -2.96
C ASN A 65 -11.69 -22.56 -3.09
N SER A 66 -12.64 -23.46 -3.29
CA SER A 66 -12.36 -24.88 -3.33
C SER A 66 -13.56 -25.64 -3.81
N VAL A 67 -13.42 -26.95 -3.97
CA VAL A 67 -14.53 -27.85 -4.23
C VAL A 67 -14.49 -28.97 -3.21
N LEU A 68 -15.64 -29.55 -2.91
CA LEU A 68 -15.66 -30.71 -2.01
C LEU A 68 -15.20 -31.95 -2.77
N ASP A 69 -14.58 -32.90 -2.05
CA ASP A 69 -14.10 -34.16 -2.60
C ASP A 69 -15.24 -34.98 -3.18
N PRO A 70 -15.27 -35.22 -4.49
CA PRO A 70 -16.30 -36.07 -5.09
C PRO A 70 -15.97 -37.56 -5.04
N HIS A 71 -16.97 -38.38 -4.75
CA HIS A 71 -16.89 -39.80 -5.02
C HIS A 71 -16.73 -39.97 -6.54
N TYR A 72 -15.96 -40.97 -6.92
CA TYR A 72 -15.71 -41.25 -8.32
C TYR A 72 -17.01 -41.27 -9.13
N GLY A 73 -17.03 -40.50 -10.21
CA GLY A 73 -18.11 -40.57 -11.18
C GLY A 73 -19.34 -39.73 -10.90
N VAL A 74 -19.42 -39.01 -9.78
CA VAL A 74 -20.66 -38.29 -9.45
C VAL A 74 -20.94 -37.20 -10.47
N GLY A 75 -22.21 -37.00 -10.78
CA GLY A 75 -22.61 -36.06 -11.83
C GLY A 75 -22.79 -34.63 -11.37
N ARG A 76 -22.08 -34.23 -10.33
CA ARG A 76 -22.13 -32.87 -9.83
C ARG A 76 -20.88 -32.53 -9.03
N VAL A 77 -20.70 -31.24 -8.79
CA VAL A 77 -19.55 -30.74 -8.04
C VAL A 77 -20.10 -29.70 -7.10
N ILE A 78 -19.58 -29.67 -5.88
CA ILE A 78 -19.99 -28.71 -4.87
C ILE A 78 -18.87 -27.70 -4.73
N LEU A 79 -19.15 -26.48 -5.14
CA LEU A 79 -18.23 -25.37 -5.03
C LEU A 79 -18.34 -24.83 -3.63
N VAL A 80 -17.21 -24.34 -3.13
CA VAL A 80 -17.16 -23.65 -1.88
C VAL A 80 -16.74 -22.23 -2.23
N ARG A 81 -17.59 -21.26 -1.94
CA ARG A 81 -17.29 -19.87 -2.25
C ARG A 81 -17.46 -18.98 -1.02
N ASP A 82 -16.47 -18.15 -0.80
CA ASP A 82 -16.53 -17.05 0.15
C ASP A 82 -17.58 -16.03 -0.29
N VAL A 83 -18.61 -15.84 0.54
CA VAL A 83 -19.67 -14.86 0.29
C VAL A 83 -19.63 -13.67 1.28
N SER A 84 -18.47 -13.45 1.87
CA SER A 84 -18.23 -12.37 2.84
C SER A 84 -16.97 -11.53 2.52
N LYS A 85 -16.63 -11.42 1.24
CA LYS A 85 -15.51 -10.57 0.76
C LYS A 85 -14.15 -10.88 1.44
N GLY A 86 -13.90 -12.16 1.66
CA GLY A 86 -12.66 -12.61 2.23
C GLY A 86 -12.70 -13.11 3.67
N ALA A 87 -13.80 -12.89 4.39
CA ALA A 87 -13.86 -13.31 5.80
C ALA A 87 -14.10 -14.81 5.98
N GLU A 88 -14.22 -15.52 4.86
CA GLU A 88 -14.29 -16.98 4.82
C GLU A 88 -15.52 -17.51 5.52
N GLN A 89 -16.60 -16.77 5.38
CA GLN A 89 -17.91 -17.34 5.56
C GLN A 89 -18.32 -17.82 4.15
N HIS A 90 -18.25 -19.14 3.95
CA HIS A 90 -18.47 -19.79 2.68
C HIS A 90 -19.90 -20.32 2.56
N ALA A 91 -20.40 -20.29 1.34
CA ALA A 91 -21.61 -21.00 0.97
C ALA A 91 -21.23 -22.07 -0.02
N LEU A 92 -22.08 -23.08 -0.13
CA LEU A 92 -21.88 -24.20 -1.04
C LEU A 92 -22.82 -24.04 -2.22
N PHE A 93 -22.30 -24.30 -3.41
CA PHE A 93 -23.04 -24.21 -4.63
C PHE A 93 -22.81 -25.51 -5.38
N LYS A 94 -23.87 -26.14 -5.85
CA LYS A 94 -23.74 -27.31 -6.70
C LYS A 94 -23.88 -26.94 -8.17
N VAL A 95 -23.01 -27.53 -8.97
CA VAL A 95 -23.02 -27.47 -10.42
C VAL A 95 -23.20 -28.90 -10.93
N ASN A 96 -24.29 -29.16 -11.65
CA ASN A 96 -24.44 -30.41 -12.39
C ASN A 96 -23.39 -30.44 -13.51
N THR A 97 -22.58 -31.49 -13.56
CA THR A 97 -21.45 -31.53 -14.49
C THR A 97 -21.88 -31.47 -15.95
N SER A 98 -23.07 -31.97 -16.26
CA SER A 98 -23.67 -31.85 -17.59
C SER A 98 -24.11 -30.43 -17.94
N ARG A 99 -24.31 -29.59 -16.93
CA ARG A 99 -24.70 -28.19 -17.14
C ARG A 99 -23.74 -27.22 -16.46
N PRO A 100 -22.51 -27.17 -16.96
CA PRO A 100 -21.48 -26.28 -16.41
C PRO A 100 -21.84 -24.81 -16.49
N GLY A 101 -21.56 -24.08 -15.43
CA GLY A 101 -21.80 -22.65 -15.35
C GLY A 101 -23.15 -22.33 -14.75
N GLU A 102 -23.91 -23.35 -14.36
CA GLU A 102 -25.21 -23.15 -13.74
C GLU A 102 -25.08 -23.66 -12.33
N GLU A 103 -25.18 -22.74 -11.38
CA GLU A 103 -24.96 -23.00 -9.99
C GLU A 103 -26.28 -22.91 -9.25
N GLN A 104 -26.46 -23.82 -8.30
CA GLN A 104 -27.53 -23.72 -7.31
C GLN A 104 -26.93 -23.72 -5.91
N ARG A 105 -27.11 -22.62 -5.19
CA ARG A 105 -26.76 -22.51 -3.80
C ARG A 105 -27.49 -23.53 -2.95
N LEU A 106 -26.75 -24.18 -2.07
CA LEU A 106 -27.32 -25.06 -1.08
C LEU A 106 -27.74 -24.21 0.12
N GLU A 107 -28.98 -23.74 0.08
CA GLU A 107 -29.48 -22.74 1.01
C GLU A 107 -29.71 -23.25 2.44
N ALA A 108 -29.79 -24.57 2.62
CA ALA A 108 -29.91 -25.16 3.97
C ALA A 108 -28.65 -24.93 4.79
N VAL A 109 -27.55 -24.68 4.10
CA VAL A 109 -26.27 -24.40 4.76
C VAL A 109 -26.02 -22.89 4.81
N LYS A 110 -26.28 -22.30 5.97
CA LYS A 110 -25.91 -20.90 6.20
C LYS A 110 -24.40 -20.72 6.11
N PRO A 111 -23.94 -19.54 5.71
CA PRO A 111 -22.51 -19.30 5.58
C PRO A 111 -21.75 -19.64 6.86
N MET A 112 -20.64 -20.34 6.70
CA MET A 112 -19.77 -20.71 7.79
C MET A 112 -18.39 -20.98 7.20
N ARG A 113 -17.39 -21.11 8.05
CA ARG A 113 -16.08 -21.49 7.57
C ARG A 113 -16.13 -22.98 7.27
N ILE A 114 -16.20 -23.31 6.00
CA ILE A 114 -16.21 -24.69 5.56
C ILE A 114 -14.76 -25.12 5.60
N LEU A 115 -14.47 -26.13 6.41
CA LEU A 115 -13.13 -26.68 6.58
C LEU A 115 -12.80 -27.80 5.63
N SER A 116 -13.82 -28.55 5.25
CA SER A 116 -13.60 -29.75 4.45
C SER A 116 -14.93 -30.27 4.00
N GLY A 117 -14.91 -31.23 3.08
CA GLY A 117 -16.13 -31.88 2.69
C GLY A 117 -15.97 -32.91 1.60
N VAL A 118 -16.92 -33.83 1.62
CA VAL A 118 -17.02 -34.88 0.63
C VAL A 118 -18.43 -34.88 0.11
N ASP A 119 -18.56 -35.20 -1.18
CA ASP A 119 -19.84 -35.33 -1.80
C ASP A 119 -19.96 -36.77 -2.34
N THR A 120 -20.88 -37.55 -1.78
CA THR A 120 -21.10 -38.92 -2.30
C THR A 120 -21.92 -38.96 -3.58
N GLY A 121 -22.53 -37.84 -3.95
CA GLY A 121 -23.48 -37.79 -5.04
C GLY A 121 -24.91 -37.82 -4.52
N GLU A 122 -25.09 -38.30 -3.29
CA GLU A 122 -26.39 -38.37 -2.60
C GLU A 122 -26.38 -37.63 -1.23
N ALA A 123 -25.19 -37.37 -0.72
CA ALA A 123 -25.04 -36.65 0.56
C ALA A 123 -23.77 -35.83 0.50
N VAL A 124 -23.86 -34.60 0.98
CA VAL A 124 -22.72 -33.72 1.13
C VAL A 124 -22.40 -33.72 2.60
N VAL A 125 -21.21 -34.20 2.95
CA VAL A 125 -20.75 -34.27 4.33
C VAL A 125 -19.56 -33.37 4.50
N PHE A 126 -19.60 -32.51 5.50
CA PHE A 126 -18.58 -31.51 5.61
C PHE A 126 -18.37 -31.07 7.05
N THR A 127 -17.22 -30.45 7.30
CA THR A 127 -16.99 -29.81 8.59
C THR A 127 -16.98 -28.32 8.37
N GLY A 128 -17.47 -27.63 9.37
CA GLY A 128 -17.50 -26.18 9.35
C GLY A 128 -17.46 -25.58 10.73
N ALA A 129 -16.95 -24.36 10.81
CA ALA A 129 -16.80 -23.64 12.05
C ALA A 129 -17.66 -22.41 11.97
N THR A 130 -18.48 -22.25 13.00
CA THR A 130 -19.18 -20.99 13.22
C THR A 130 -18.55 -20.38 14.45
N GLU A 131 -19.16 -19.31 14.96
CA GLU A 131 -18.66 -18.66 16.15
C GLU A 131 -18.65 -19.61 17.34
N ASP A 132 -19.64 -20.49 17.43
CA ASP A 132 -19.87 -21.26 18.66
C ASP A 132 -19.44 -22.72 18.61
N ARG A 133 -19.27 -23.27 17.42
CA ARG A 133 -18.81 -24.64 17.31
C ARG A 133 -18.12 -24.98 16.02
N VAL A 134 -17.40 -26.07 16.06
CA VAL A 134 -16.93 -26.77 14.88
C VAL A 134 -17.75 -28.02 14.87
N ALA A 135 -18.25 -28.38 13.69
CA ALA A 135 -19.16 -29.51 13.63
C ALA A 135 -19.07 -30.25 12.32
N LEU A 136 -19.49 -31.51 12.36
CA LEU A 136 -19.58 -32.34 11.18
C LEU A 136 -21.05 -32.37 10.78
N TYR A 137 -21.30 -32.06 9.53
CA TYR A 137 -22.64 -31.91 9.00
C TYR A 137 -22.88 -32.89 7.85
N ALA A 138 -24.13 -33.30 7.66
CA ALA A 138 -24.55 -33.98 6.44
C ALA A 138 -25.78 -33.31 5.85
N LEU A 139 -25.71 -32.99 4.57
CA LEU A 139 -26.83 -32.52 3.78
C LEU A 139 -27.20 -33.60 2.77
N ASP A 140 -28.42 -34.11 2.85
CA ASP A 140 -28.94 -35.08 1.89
C ASP A 140 -30.36 -34.67 1.47
N GLY A 141 -31.15 -35.60 0.93
CA GLY A 141 -32.46 -35.24 0.41
C GLY A 141 -33.45 -34.76 1.46
N GLY A 142 -33.24 -35.16 2.72
CA GLY A 142 -34.07 -34.74 3.84
C GLY A 142 -33.57 -33.52 4.63
N GLY A 143 -32.54 -32.85 4.12
CA GLY A 143 -32.05 -31.61 4.70
C GLY A 143 -30.72 -31.74 5.42
N LEU A 144 -30.44 -30.76 6.26
CA LEU A 144 -29.14 -30.63 6.88
C LEU A 144 -29.21 -31.17 8.31
N ARG A 145 -28.22 -31.99 8.65
CA ARG A 145 -28.11 -32.59 9.96
C ARG A 145 -26.71 -32.35 10.49
N GLU A 146 -26.64 -32.01 11.77
CA GLU A 146 -25.37 -31.95 12.47
C GLU A 146 -25.10 -33.35 13.05
N LEU A 147 -24.09 -34.00 12.51
CA LEU A 147 -23.75 -35.37 12.91
C LEU A 147 -23.00 -35.38 14.24
N ALA A 148 -22.11 -34.42 14.41
CA ALA A 148 -21.35 -34.29 15.63
C ALA A 148 -20.72 -32.89 15.78
N ARG A 149 -20.54 -32.49 17.04
CA ARG A 149 -19.74 -31.33 17.44
C ARG A 149 -18.29 -31.82 17.65
N LEU A 150 -17.33 -31.16 17.01
CA LEU A 150 -15.92 -31.52 17.14
C LEU A 150 -15.21 -30.55 18.10
N PRO A 151 -14.23 -31.03 18.87
CA PRO A 151 -13.46 -30.15 19.76
C PRO A 151 -12.70 -29.01 19.09
N GLY A 152 -12.25 -29.19 17.84
CA GLY A 152 -11.53 -28.15 17.13
C GLY A 152 -11.49 -28.43 15.65
N PHE A 153 -10.51 -27.85 14.95
CA PHE A 153 -10.39 -28.12 13.52
C PHE A 153 -10.61 -29.62 13.27
N GLY A 154 -11.48 -29.92 12.32
CA GLY A 154 -11.67 -31.29 11.88
C GLY A 154 -11.96 -31.31 10.39
N PHE A 155 -11.52 -32.37 9.75
CA PHE A 155 -11.59 -32.52 8.30
C PHE A 155 -12.14 -33.89 7.98
N VAL A 156 -13.10 -33.95 7.07
CA VAL A 156 -13.64 -35.22 6.61
C VAL A 156 -12.63 -35.76 5.61
N SER A 157 -12.22 -37.00 5.76
CA SER A 157 -11.25 -37.63 4.86
C SER A 157 -11.94 -38.53 3.81
N ASP A 158 -12.99 -39.23 4.21
CA ASP A 158 -13.55 -40.26 3.34
C ASP A 158 -14.91 -40.74 3.84
N ILE A 159 -15.76 -41.18 2.93
CA ILE A 159 -17.00 -41.86 3.25
C ILE A 159 -17.12 -43.13 2.43
N ARG A 160 -17.42 -44.24 3.09
CA ARG A 160 -17.79 -45.45 2.40
C ARG A 160 -19.01 -46.02 3.09
N GLY A 161 -20.06 -46.22 2.31
CA GLY A 161 -21.32 -46.67 2.84
C GLY A 161 -21.79 -45.67 3.87
N ASP A 162 -22.04 -46.17 5.07
CA ASP A 162 -22.55 -45.34 6.14
C ASP A 162 -21.44 -44.76 7.01
N LEU A 163 -20.22 -45.19 6.74
CA LEU A 163 -19.08 -44.80 7.57
C LEU A 163 -18.40 -43.55 7.03
N ILE A 164 -18.16 -42.61 7.95
CA ILE A 164 -17.40 -41.41 7.68
C ILE A 164 -16.12 -41.43 8.50
N ALA A 165 -15.00 -41.14 7.84
CA ALA A 165 -13.71 -41.02 8.52
C ALA A 165 -13.19 -39.61 8.35
N GLY A 166 -12.54 -39.11 9.38
CA GLY A 166 -11.95 -37.78 9.35
C GLY A 166 -10.76 -37.66 10.28
N LEU A 167 -10.14 -36.49 10.24
CA LEU A 167 -8.99 -36.15 11.07
C LEU A 167 -9.36 -34.93 11.88
N GLY A 168 -9.00 -34.96 13.16
CA GLY A 168 -9.33 -33.91 14.10
C GLY A 168 -8.10 -33.40 14.80
N PHE A 169 -7.90 -32.08 14.79
CA PHE A 169 -6.92 -31.44 15.66
C PHE A 169 -7.62 -31.15 16.96
N PHE A 170 -7.76 -32.18 17.79
CA PHE A 170 -8.59 -32.12 19.00
C PHE A 170 -7.84 -31.93 20.33
N GLY A 171 -6.55 -31.64 20.28
CA GLY A 171 -5.79 -31.30 21.48
C GLY A 171 -4.30 -31.53 21.32
N GLY A 172 -3.52 -30.63 21.93
CA GLY A 172 -2.07 -30.79 22.02
C GLY A 172 -1.31 -30.78 20.69
N GLY A 173 -1.93 -30.27 19.62
CA GLY A 173 -1.36 -30.35 18.29
C GLY A 173 -1.45 -31.73 17.67
N ARG A 174 -1.99 -32.68 18.40
CA ARG A 174 -2.06 -34.05 17.94
C ARG A 174 -3.28 -34.20 17.03
N VAL A 175 -3.14 -35.05 16.01
CA VAL A 175 -4.24 -35.30 15.09
C VAL A 175 -4.85 -36.66 15.42
N SER A 176 -6.15 -36.64 15.67
CA SER A 176 -6.92 -37.85 15.94
C SER A 176 -7.64 -38.29 14.69
N LEU A 177 -7.93 -39.57 14.62
CA LEU A 177 -8.90 -40.10 13.70
C LEU A 177 -10.27 -39.97 14.33
N PHE A 178 -11.26 -39.65 13.53
CA PHE A 178 -12.63 -39.75 13.98
C PHE A 178 -13.52 -40.41 12.95
N THR A 179 -14.55 -41.08 13.43
CA THR A 179 -15.57 -41.58 12.55
C THR A 179 -16.94 -41.12 13.04
N SER A 180 -17.88 -41.26 12.11
CA SER A 180 -19.27 -40.97 12.35
C SER A 180 -20.04 -41.87 11.40
N ASN A 181 -21.34 -41.90 11.59
CA ASN A 181 -22.25 -42.60 10.70
C ASN A 181 -23.05 -41.54 9.95
N LEU A 182 -23.13 -41.68 8.62
CA LEU A 182 -23.94 -40.79 7.80
C LEU A 182 -25.41 -40.82 8.22
N SER A 183 -25.96 -41.99 8.52
CA SER A 183 -27.37 -42.12 8.85
C SER A 183 -27.73 -41.62 10.25
N SER A 184 -26.87 -41.90 11.24
CA SER A 184 -27.22 -41.70 12.66
C SER A 184 -26.31 -40.69 13.38
N GLY A 185 -25.29 -40.19 12.67
CA GLY A 185 -24.35 -39.26 13.27
C GLY A 185 -23.51 -39.86 14.39
N GLY A 186 -23.22 -39.05 15.39
CA GLY A 186 -22.36 -39.46 16.49
C GLY A 186 -20.89 -39.28 16.16
N LEU A 187 -20.06 -39.50 17.16
CA LEU A 187 -18.64 -39.31 17.01
C LEU A 187 -17.89 -40.33 17.82
N ARG A 188 -16.93 -40.96 17.14
CA ARG A 188 -15.96 -41.80 17.79
C ARG A 188 -14.58 -41.25 17.42
N VAL A 189 -13.75 -41.07 18.43
CA VAL A 189 -12.44 -40.48 18.30
C VAL A 189 -11.40 -41.52 18.67
N PHE A 190 -10.38 -41.65 17.83
CA PHE A 190 -9.30 -42.61 18.05
C PHE A 190 -8.00 -41.81 18.11
N ASP A 191 -7.33 -41.86 19.25
CA ASP A 191 -5.97 -41.31 19.39
C ASP A 191 -4.93 -42.42 19.38
N SER A 192 -3.76 -42.13 18.81
CA SER A 192 -2.56 -42.96 19.01
C SER A 192 -1.68 -42.29 20.05
N GLY A 193 -1.10 -43.07 20.96
CA GLY A 193 -0.08 -42.57 21.87
C GLY A 193 1.29 -42.38 21.21
N GLU A 194 1.49 -43.00 20.05
CA GLU A 194 2.73 -42.87 19.29
C GLU A 194 2.80 -41.66 18.37
N GLY A 195 1.68 -41.00 18.12
CA GLY A 195 1.72 -39.91 17.16
C GLY A 195 0.36 -39.46 16.69
N SER A 196 0.32 -38.99 15.45
CA SER A 196 -0.84 -38.33 14.88
C SER A 196 -1.21 -38.98 13.57
N PHE A 197 -2.51 -39.14 13.34
CA PHE A 197 -2.99 -39.60 12.03
C PHE A 197 -2.92 -38.46 11.02
N SER A 198 -2.49 -38.76 9.80
CA SER A 198 -2.25 -37.71 8.81
C SER A 198 -3.13 -37.86 7.58
N SER A 199 -3.79 -39.01 7.48
CA SER A 199 -4.47 -39.42 6.26
C SER A 199 -5.35 -40.62 6.61
N ALA A 200 -6.50 -40.74 5.95
CA ALA A 200 -7.42 -41.82 6.25
C ALA A 200 -8.26 -42.15 5.05
N SER A 201 -8.60 -43.41 4.91
CA SER A 201 -9.44 -43.90 3.82
C SER A 201 -10.04 -45.22 4.27
N ILE A 202 -11.34 -45.37 4.12
CA ILE A 202 -12.02 -46.58 4.51
C ILE A 202 -11.81 -47.69 3.47
N SER A 203 -11.35 -48.86 3.93
CA SER A 203 -11.17 -50.03 3.08
C SER A 203 -12.51 -50.69 2.72
N PRO A 204 -12.50 -51.62 1.76
CA PRO A 204 -13.68 -52.44 1.47
C PRO A 204 -14.19 -53.19 2.67
N GLY A 205 -13.26 -53.59 3.54
CA GLY A 205 -13.60 -54.27 4.77
C GLY A 205 -14.20 -53.39 5.83
N MET A 206 -14.45 -52.12 5.50
CA MET A 206 -15.07 -51.15 6.42
C MET A 206 -14.24 -50.87 7.66
N LYS A 207 -12.93 -50.97 7.52
CA LYS A 207 -12.00 -50.41 8.50
C LYS A 207 -11.32 -49.16 7.92
N VAL A 208 -10.58 -48.44 8.76
CA VAL A 208 -9.97 -47.19 8.36
C VAL A 208 -8.50 -47.43 8.20
N THR A 209 -8.04 -47.41 6.97
CA THR A 209 -6.63 -47.34 6.70
C THR A 209 -6.16 -45.91 6.95
N ALA A 210 -5.10 -45.73 7.72
CA ALA A 210 -4.62 -44.41 8.07
C ALA A 210 -3.09 -44.32 8.07
N GLY A 211 -2.57 -43.15 7.76
CA GLY A 211 -1.17 -42.83 7.98
C GLY A 211 -0.98 -42.40 9.42
N LEU A 212 -0.03 -43.02 10.09
CA LEU A 212 0.29 -42.65 11.46
C LEU A 212 1.69 -42.07 11.42
N GLU A 213 1.80 -40.80 11.78
CA GLU A 213 3.08 -40.14 11.86
C GLU A 213 3.52 -40.14 13.30
N THR A 214 4.69 -40.71 13.56
CA THR A 214 5.19 -40.87 14.92
C THR A 214 6.44 -40.06 15.10
N ALA A 215 7.05 -40.17 16.28
CA ALA A 215 8.35 -39.55 16.49
C ALA A 215 9.29 -39.15 15.33
N ARG A 216 9.72 -40.15 14.56
CA ARG A 216 10.37 -39.92 13.29
C ARG A 216 9.59 -40.62 12.14
N GLU A 217 9.48 -41.95 12.17
CA GLU A 217 8.92 -42.69 11.03
C GLU A 217 7.39 -42.69 10.95
N ALA A 218 6.85 -42.72 9.74
CA ALA A 218 5.40 -42.81 9.55
C ALA A 218 5.10 -44.22 9.06
N ARG A 219 3.92 -44.72 9.39
CA ARG A 219 3.48 -46.02 8.89
C ARG A 219 1.98 -46.09 8.65
N LEU A 220 1.57 -47.13 7.96
CA LEU A 220 0.18 -47.38 7.64
C LEU A 220 -0.41 -48.32 8.67
N VAL A 221 -1.59 -47.96 9.16
CA VAL A 221 -2.31 -48.79 10.11
C VAL A 221 -3.76 -48.96 9.70
N THR A 222 -4.38 -49.96 10.31
CA THR A 222 -5.78 -50.30 10.11
C THR A 222 -6.44 -50.07 11.45
N VAL A 223 -7.40 -49.17 11.48
CA VAL A 223 -8.15 -48.92 12.69
C VAL A 223 -9.54 -49.50 12.49
N ASP A 224 -9.89 -50.48 13.32
CA ASP A 224 -11.21 -51.04 13.31
C ASP A 224 -12.13 -50.09 14.08
N PRO A 225 -13.07 -49.42 13.41
CA PRO A 225 -13.90 -48.41 14.07
C PRO A 225 -14.92 -48.96 15.07
N ARG A 226 -15.11 -50.27 15.10
CA ARG A 226 -16.04 -50.93 16.04
C ARG A 226 -15.46 -51.08 17.43
N ASP A 227 -14.14 -51.28 17.52
CA ASP A 227 -13.47 -51.45 18.83
C ASP A 227 -12.24 -50.60 19.09
N GLY A 228 -11.75 -49.87 18.08
CA GLY A 228 -10.56 -49.06 18.23
C GLY A 228 -9.24 -49.81 18.08
N SER A 229 -9.31 -51.11 17.83
CA SER A 229 -8.10 -51.88 17.64
C SER A 229 -7.31 -51.27 16.47
N VAL A 230 -6.00 -51.16 16.66
CA VAL A 230 -5.08 -50.73 15.64
C VAL A 230 -4.08 -51.86 15.42
N GLU A 231 -3.89 -52.20 14.15
CA GLU A 231 -2.74 -53.01 13.73
C GLU A 231 -2.08 -52.36 12.52
N ASP A 232 -0.79 -52.66 12.32
CA ASP A 232 -0.09 -52.24 11.13
C ASP A 232 -0.70 -52.88 9.90
N LEU A 233 -0.79 -52.10 8.83
CA LEU A 233 -1.18 -52.64 7.54
C LEU A 233 0.09 -52.95 6.76
N GLU A 234 0.26 -54.21 6.40
CA GLU A 234 1.32 -54.62 5.48
C GLU A 234 0.71 -54.74 4.10
N LEU A 235 1.43 -54.24 3.10
CA LEU A 235 0.92 -54.22 1.74
C LEU A 235 1.59 -55.33 0.92
N PRO A 236 0.98 -55.70 -0.20
CA PRO A 236 1.56 -56.75 -1.05
C PRO A 236 3.02 -56.47 -1.44
N SER A 237 3.29 -55.24 -1.87
CA SER A 237 4.66 -54.81 -2.21
C SER A 237 5.27 -54.01 -1.05
N LYS A 238 6.58 -54.18 -0.88
CA LYS A 238 7.29 -53.62 0.25
C LYS A 238 8.10 -52.37 -0.09
N ASP A 239 7.89 -51.79 -1.28
CA ASP A 239 8.58 -50.55 -1.62
C ASP A 239 8.23 -49.43 -0.65
N PHE A 240 6.97 -49.42 -0.20
CA PHE A 240 6.49 -48.38 0.69
C PHE A 240 7.14 -48.47 2.06
N SER A 241 7.16 -49.64 2.68
CA SER A 241 7.68 -49.72 4.05
C SER A 241 9.19 -49.51 4.03
N SER A 242 9.86 -50.02 3.00
CA SER A 242 11.30 -49.84 2.83
C SER A 242 11.70 -48.39 2.47
N TYR A 243 10.78 -47.61 1.91
CA TYR A 243 10.99 -46.17 1.66
C TYR A 243 11.14 -45.40 2.97
N ARG A 244 10.52 -45.92 4.03
CA ARG A 244 10.63 -45.35 5.37
C ARG A 244 10.22 -43.87 5.37
N PRO A 245 8.96 -43.61 5.09
CA PRO A 245 8.48 -42.23 5.02
C PRO A 245 8.49 -41.62 6.41
N THR A 246 8.75 -40.32 6.48
CA THR A 246 8.57 -39.58 7.72
C THR A 246 7.16 -39.00 7.82
N ALA A 247 6.51 -38.80 6.67
CA ALA A 247 5.17 -38.24 6.66
C ALA A 247 4.34 -38.96 5.62
N ILE A 248 3.04 -39.02 5.82
CA ILE A 248 2.15 -39.54 4.80
C ILE A 248 1.21 -38.40 4.36
N THR A 249 1.42 -37.93 3.13
CA THR A 249 0.65 -36.82 2.56
C THR A 249 -0.82 -37.17 2.39
N TRP A 250 -1.05 -38.30 1.74
CA TRP A 250 -2.37 -38.67 1.32
C TRP A 250 -2.45 -40.18 1.09
N LEU A 251 -3.61 -40.75 1.35
CA LEU A 251 -3.91 -42.08 0.84
C LEU A 251 -5.36 -42.21 0.52
N GLY A 252 -5.69 -43.24 -0.25
CA GLY A 252 -7.03 -43.40 -0.79
C GLY A 252 -7.17 -44.70 -1.55
N TYR A 253 -8.35 -45.32 -1.48
CA TYR A 253 -8.60 -46.51 -2.30
C TYR A 253 -9.05 -46.06 -3.69
N LEU A 254 -8.58 -46.77 -4.71
CA LEU A 254 -8.96 -46.52 -6.09
C LEU A 254 -10.14 -47.42 -6.39
N PRO A 255 -10.91 -47.10 -7.44
CA PRO A 255 -12.05 -47.92 -7.89
C PRO A 255 -11.76 -49.41 -8.01
N ASP A 256 -10.57 -49.79 -8.47
CA ASP A 256 -10.20 -51.20 -8.60
C ASP A 256 -9.78 -51.88 -7.26
N GLY A 257 -9.93 -51.17 -6.15
CA GLY A 257 -9.58 -51.71 -4.84
C GLY A 257 -8.15 -51.48 -4.40
N ARG A 258 -7.30 -50.98 -5.28
CA ARG A 258 -5.91 -50.72 -4.93
C ARG A 258 -5.77 -49.52 -4.00
N LEU A 259 -4.77 -49.58 -3.13
CA LEU A 259 -4.50 -48.52 -2.18
C LEU A 259 -3.36 -47.66 -2.69
N ALA A 260 -3.69 -46.42 -3.01
CA ALA A 260 -2.70 -45.43 -3.40
C ALA A 260 -2.22 -44.68 -2.15
N VAL A 261 -0.91 -44.55 -2.03
CA VAL A 261 -0.30 -43.86 -0.90
C VAL A 261 0.73 -42.91 -1.44
N VAL A 262 0.65 -41.66 -1.00
CA VAL A 262 1.66 -40.66 -1.26
C VAL A 262 2.30 -40.33 0.07
N ALA A 263 3.59 -40.58 0.17
CA ALA A 263 4.34 -40.39 1.39
C ALA A 263 5.60 -39.63 1.05
N ARG A 264 6.23 -39.07 2.07
CA ARG A 264 7.37 -38.21 1.84
C ARG A 264 8.41 -38.25 2.95
N ARG A 265 9.62 -37.85 2.56
CA ARG A 265 10.74 -37.67 3.45
C ARG A 265 11.59 -36.54 2.88
N GLU A 266 12.05 -35.66 3.77
CA GLU A 266 12.96 -34.57 3.40
C GLU A 266 12.42 -33.66 2.29
N GLY A 267 11.13 -33.36 2.36
CA GLY A 267 10.51 -32.40 1.46
C GLY A 267 10.20 -32.90 0.07
N ARG A 268 10.29 -34.21 -0.12
CA ARG A 268 9.97 -34.77 -1.43
C ARG A 268 9.16 -36.01 -1.21
N SER A 269 8.20 -36.25 -2.09
CA SER A 269 7.29 -37.37 -1.95
C SER A 269 7.49 -38.46 -2.98
N ALA A 270 6.84 -39.58 -2.71
CA ALA A 270 6.83 -40.74 -3.58
C ALA A 270 5.43 -41.33 -3.57
N VAL A 271 5.09 -41.97 -4.69
CA VAL A 271 3.77 -42.53 -4.91
C VAL A 271 3.86 -44.06 -4.87
N PHE A 272 2.90 -44.69 -4.22
CA PHE A 272 2.86 -46.14 -4.07
C PHE A 272 1.45 -46.68 -4.31
N ILE A 273 1.36 -47.78 -5.05
CA ILE A 273 0.09 -48.47 -5.30
C ILE A 273 0.22 -49.89 -4.75
N ASP A 274 -0.55 -50.19 -3.70
CA ASP A 274 -0.46 -51.45 -2.98
C ASP A 274 0.96 -51.73 -2.51
N GLY A 275 1.65 -50.66 -2.11
CA GLY A 275 3.01 -50.76 -1.62
C GLY A 275 4.07 -50.67 -2.69
N GLU A 276 3.69 -50.76 -3.97
CA GLU A 276 4.67 -50.73 -5.08
C GLU A 276 4.94 -49.30 -5.53
N ARG A 277 6.22 -48.93 -5.58
CA ARG A 277 6.65 -47.61 -6.01
C ARG A 277 6.18 -47.36 -7.44
N VAL A 278 5.61 -46.18 -7.66
CA VAL A 278 5.25 -45.74 -8.99
C VAL A 278 6.09 -44.49 -9.27
N GLU A 279 6.86 -44.55 -10.35
CA GLU A 279 7.78 -43.47 -10.67
C GLU A 279 6.97 -42.20 -10.95
N ALA A 280 7.51 -41.08 -10.51
CA ALA A 280 6.81 -39.82 -10.60
C ALA A 280 7.80 -38.69 -10.63
N PRO A 281 7.44 -37.54 -11.21
CA PRO A 281 8.36 -36.41 -11.27
C PRO A 281 8.84 -36.02 -9.90
N GLN A 282 10.13 -35.74 -9.81
CA GLN A 282 10.72 -35.34 -8.55
C GLN A 282 10.00 -34.07 -8.04
N GLY A 283 9.69 -34.07 -6.75
CA GLY A 283 9.02 -32.95 -6.12
C GLY A 283 8.01 -33.50 -5.13
N ASN A 284 6.81 -32.91 -5.13
CA ASN A 284 5.74 -33.40 -4.28
C ASN A 284 4.47 -33.70 -5.05
N HIS A 285 3.71 -34.65 -4.54
CA HIS A 285 2.51 -35.10 -5.21
C HIS A 285 1.32 -34.98 -4.32
N GLY A 286 0.16 -34.83 -4.94
CA GLY A 286 -1.09 -34.78 -4.22
C GLY A 286 -1.81 -36.11 -4.34
N ARG A 287 -3.13 -36.04 -4.37
CA ARG A 287 -3.90 -37.27 -4.49
C ARG A 287 -3.61 -37.97 -5.82
N VAL A 288 -3.87 -39.27 -5.81
CA VAL A 288 -3.78 -40.10 -7.00
C VAL A 288 -5.16 -40.62 -7.32
N VAL A 289 -5.53 -40.47 -8.58
CA VAL A 289 -6.79 -40.93 -9.11
C VAL A 289 -6.54 -41.89 -10.26
N LEU A 290 -7.51 -42.77 -10.47
CA LEU A 290 -7.57 -43.62 -11.64
C LEU A 290 -8.46 -42.87 -12.60
N TRP A 291 -7.92 -42.59 -13.78
CA TRP A 291 -8.65 -41.93 -14.84
C TRP A 291 -8.40 -42.75 -16.10
N ARG A 292 -9.47 -43.32 -16.66
CA ARG A 292 -9.38 -44.17 -17.86
C ARG A 292 -8.36 -45.32 -17.70
N GLY A 293 -8.39 -45.97 -16.55
CA GLY A 293 -7.52 -47.11 -16.27
C GLY A 293 -6.10 -46.79 -15.83
N LYS A 294 -5.69 -45.52 -15.92
CA LYS A 294 -4.32 -45.14 -15.55
C LYS A 294 -4.24 -44.09 -14.44
N LEU A 295 -3.03 -43.91 -13.93
CA LEU A 295 -2.81 -43.15 -12.72
C LEU A 295 -2.52 -41.70 -13.04
N VAL A 296 -3.09 -40.81 -12.24
CA VAL A 296 -2.93 -39.37 -12.41
C VAL A 296 -2.76 -38.75 -11.03
N THR A 297 -1.78 -37.87 -10.89
CA THR A 297 -1.61 -37.09 -9.68
C THR A 297 -1.25 -35.64 -10.00
N SER A 298 -1.16 -34.80 -8.98
CA SER A 298 -0.64 -33.46 -9.12
C SER A 298 0.84 -33.50 -8.80
N HIS A 299 1.56 -32.56 -9.37
CA HIS A 299 2.97 -32.50 -9.13
C HIS A 299 3.40 -31.07 -8.97
N THR A 300 4.27 -30.87 -8.01
CA THR A 300 4.89 -29.58 -7.85
C THR A 300 6.31 -29.71 -7.40
N SER A 301 7.09 -28.69 -7.69
CA SER A 301 8.42 -28.56 -7.13
C SER A 301 8.81 -27.11 -7.01
N LEU A 302 10.00 -26.87 -6.47
CA LEU A 302 10.49 -25.50 -6.34
C LEU A 302 10.56 -24.76 -7.68
N SER A 303 10.75 -25.52 -8.76
CA SER A 303 10.85 -24.98 -10.11
C SER A 303 9.65 -25.34 -11.00
N THR A 304 8.60 -25.94 -10.43
CA THR A 304 7.42 -26.25 -11.24
C THR A 304 6.10 -26.02 -10.49
N PRO A 305 5.38 -25.01 -10.93
CA PRO A 305 4.08 -24.66 -10.36
C PRO A 305 3.11 -25.86 -10.39
N PRO A 306 2.21 -26.01 -9.41
CA PRO A 306 1.38 -27.22 -9.35
C PRO A 306 0.69 -27.54 -10.71
N ARG A 307 0.84 -28.79 -11.10
CA ARG A 307 0.38 -29.25 -12.41
C ARG A 307 -0.21 -30.65 -12.24
N ILE A 308 -0.92 -31.14 -13.25
CA ILE A 308 -1.53 -32.47 -13.20
C ILE A 308 -0.75 -33.34 -14.17
N VAL A 309 -0.30 -34.49 -13.73
CA VAL A 309 0.53 -35.36 -14.58
C VAL A 309 0.05 -36.80 -14.58
N SER A 310 0.37 -37.50 -15.67
CA SER A 310 0.17 -38.93 -15.78
C SER A 310 1.35 -39.67 -15.15
N LEU A 311 1.08 -40.78 -14.48
CA LEU A 311 2.12 -41.65 -13.95
CA LEU A 311 2.12 -41.65 -13.95
C LEU A 311 2.04 -43.00 -14.66
N PRO A 312 3.17 -43.68 -14.88
CA PRO A 312 4.51 -43.23 -14.44
C PRO A 312 5.30 -42.26 -15.32
N SER A 313 4.81 -41.90 -16.49
CA SER A 313 5.59 -41.11 -17.45
C SER A 313 5.95 -39.67 -17.00
N GLY A 314 5.07 -39.04 -16.24
CA GLY A 314 5.24 -37.65 -15.85
C GLY A 314 4.76 -36.67 -16.91
N GLU A 315 4.08 -37.16 -17.94
CA GLU A 315 3.57 -36.30 -19.01
C GLU A 315 2.45 -35.41 -18.46
N PRO A 316 2.50 -34.11 -18.77
CA PRO A 316 1.53 -33.15 -18.22
C PRO A 316 0.17 -33.22 -18.90
N LEU A 317 -0.92 -33.27 -18.12
CA LEU A 317 -2.26 -33.09 -18.66
C LEU A 317 -2.67 -31.64 -18.55
N LEU A 318 -2.41 -31.01 -17.40
CA LEU A 318 -2.68 -29.60 -17.22
C LEU A 318 -1.48 -28.96 -16.55
N GLU A 319 -0.84 -28.05 -17.27
CA GLU A 319 0.38 -27.42 -16.81
C GLU A 319 0.47 -25.96 -17.25
N GLY A 320 0.63 -25.08 -16.27
CA GLY A 320 0.98 -23.69 -16.52
C GLY A 320 2.49 -23.62 -16.72
N GLY A 321 2.92 -23.39 -17.96
CA GLY A 321 4.34 -23.36 -18.25
C GLY A 321 5.07 -22.23 -17.53
N LEU A 322 6.13 -22.57 -16.78
CA LEU A 322 6.98 -21.54 -16.16
C LEU A 322 7.89 -21.00 -17.27
N PRO A 323 7.75 -19.73 -17.63
CA PRO A 323 8.60 -19.17 -18.70
C PRO A 323 10.11 -19.33 -18.39
N GLU A 324 10.92 -19.55 -19.42
CA GLU A 324 12.34 -19.85 -19.24
C GLU A 324 13.11 -18.78 -18.45
N ASP A 325 12.86 -17.50 -18.73
CA ASP A 325 13.53 -16.40 -18.02
C ASP A 325 13.26 -16.42 -16.51
N LEU A 326 12.02 -16.70 -16.11
CA LEU A 326 11.70 -16.80 -14.69
C LEU A 326 12.32 -18.05 -14.05
N ARG A 327 12.29 -19.17 -14.78
CA ARG A 327 12.89 -20.42 -14.30
C ARG A 327 14.37 -20.21 -14.04
N ARG A 328 15.04 -19.53 -14.99
CA ARG A 328 16.47 -19.26 -14.93
C ARG A 328 16.84 -18.32 -13.76
N SER A 329 15.87 -17.52 -13.30
CA SER A 329 16.11 -16.61 -12.18
C SER A 329 16.44 -17.36 -10.88
N ILE A 330 16.06 -18.64 -10.79
CA ILE A 330 16.53 -19.51 -9.71
C ILE A 330 17.76 -20.27 -10.19
N ALA A 331 18.94 -19.83 -9.76
CA ALA A 331 20.20 -20.43 -10.21
C ALA A 331 20.44 -21.81 -9.57
N GLY A 332 19.77 -22.07 -8.45
CA GLY A 332 19.96 -23.32 -7.75
C GLY A 332 19.10 -23.47 -6.51
N SER A 333 19.03 -24.69 -6.00
CA SER A 333 18.38 -24.94 -4.73
C SER A 333 19.12 -26.01 -3.95
N ARG A 334 18.96 -25.97 -2.62
CA ARG A 334 19.68 -26.85 -1.74
C ARG A 334 18.84 -27.12 -0.52
N LEU A 335 19.04 -28.29 0.06
CA LEU A 335 18.45 -28.61 1.34
C LEU A 335 19.60 -28.59 2.31
N VAL A 336 19.57 -27.70 3.30
CA VAL A 336 20.62 -27.66 4.30
C VAL A 336 20.07 -27.93 5.69
N TRP A 337 20.96 -28.27 6.61
CA TRP A 337 20.56 -28.59 7.96
C TRP A 337 21.19 -27.59 8.93
N VAL A 338 20.46 -26.51 9.15
CA VAL A 338 20.88 -25.47 10.04
C VAL A 338 20.99 -26.00 11.46
N GLU A 339 22.11 -25.70 12.13
CA GLU A 339 22.28 -25.95 13.55
C GLU A 339 21.56 -24.88 14.36
N SER A 340 20.58 -25.29 15.16
CA SER A 340 19.88 -24.34 16.00
C SER A 340 20.51 -24.21 17.41
N PHE A 341 19.92 -23.35 18.24
CA PHE A 341 20.44 -23.05 19.58
C PHE A 341 20.66 -24.29 20.48
N ASP A 342 19.84 -25.32 20.29
CA ASP A 342 19.84 -26.48 21.18
C ASP A 342 20.40 -27.75 20.54
N GLY A 343 21.08 -27.61 19.40
CA GLY A 343 21.65 -28.73 18.67
C GLY A 343 20.70 -29.35 17.66
N SER A 344 19.45 -28.88 17.61
CA SER A 344 18.50 -29.40 16.63
C SER A 344 18.96 -28.98 15.26
N ARG A 345 18.68 -29.83 14.28
CA ARG A 345 19.02 -29.54 12.91
C ARG A 345 17.75 -29.17 12.18
N VAL A 346 17.72 -27.96 11.64
CA VAL A 346 16.56 -27.38 11.04
C VAL A 346 16.68 -27.58 9.53
N PRO A 347 15.91 -28.51 8.96
CA PRO A 347 15.93 -28.69 7.50
C PRO A 347 15.44 -27.44 6.82
N THR A 348 16.28 -26.90 5.96
CA THR A 348 16.06 -25.57 5.44
C THR A 348 16.27 -25.57 3.94
N TYR A 349 15.24 -25.16 3.20
CA TYR A 349 15.39 -25.10 1.74
C TYR A 349 15.97 -23.75 1.38
N VAL A 350 16.87 -23.74 0.42
CA VAL A 350 17.56 -22.53 0.00
C VAL A 350 17.44 -22.37 -1.50
N LEU A 351 17.07 -21.17 -1.92
CA LEU A 351 17.08 -20.82 -3.33
C LEU A 351 18.16 -19.78 -3.54
N GLU A 352 19.11 -20.05 -4.42
CA GLU A 352 20.01 -19.01 -4.91
C GLU A 352 19.37 -18.34 -6.10
N SER A 353 19.38 -17.02 -6.07
CA SER A 353 18.91 -16.21 -7.18
C SER A 353 20.00 -16.08 -8.24
N GLY A 354 19.63 -16.33 -9.49
CA GLY A 354 20.53 -16.06 -10.61
C GLY A 354 20.73 -14.57 -10.83
N ARG A 355 20.00 -13.74 -10.09
CA ARG A 355 20.04 -12.29 -10.26
C ARG A 355 20.62 -11.55 -9.05
N ALA A 356 21.35 -12.27 -8.21
CA ALA A 356 22.07 -11.67 -7.11
C ALA A 356 23.48 -12.23 -7.03
N PRO A 357 24.42 -11.45 -6.49
CA PRO A 357 25.77 -11.97 -6.26
C PRO A 357 25.74 -12.96 -5.09
N THR A 358 26.86 -13.61 -4.86
CA THR A 358 27.08 -14.44 -3.68
C THR A 358 28.43 -14.02 -3.09
N PRO A 359 28.47 -13.49 -1.87
CA PRO A 359 27.29 -13.33 -1.00
C PRO A 359 26.37 -12.24 -1.54
N GLY A 360 25.10 -12.27 -1.16
CA GLY A 360 24.12 -11.37 -1.72
C GLY A 360 22.91 -11.17 -0.84
N PRO A 361 22.03 -10.25 -1.24
CA PRO A 361 20.82 -9.96 -0.47
C PRO A 361 20.00 -11.23 -0.29
N THR A 362 19.68 -11.58 0.95
CA THR A 362 19.03 -12.83 1.27
C THR A 362 17.81 -12.62 2.16
N VAL A 363 16.71 -13.28 1.80
CA VAL A 363 15.51 -13.23 2.60
C VAL A 363 15.24 -14.57 3.27
N VAL A 364 15.21 -14.60 4.60
CA VAL A 364 14.64 -15.74 5.30
C VAL A 364 13.12 -15.61 5.15
N LEU A 365 12.54 -16.45 4.30
CA LEU A 365 11.10 -16.44 4.03
C LEU A 365 10.44 -17.49 4.93
N VAL A 366 9.70 -17.04 5.94
CA VAL A 366 9.17 -17.95 6.97
C VAL A 366 7.79 -18.48 6.62
N HIS A 367 7.62 -19.80 6.73
CA HIS A 367 6.40 -20.45 6.32
C HIS A 367 5.30 -20.24 7.37
N GLY A 368 4.06 -20.30 6.91
CA GLY A 368 2.93 -20.20 7.79
C GLY A 368 2.66 -21.55 8.44
N GLY A 369 1.52 -21.60 9.10
CA GLY A 369 1.01 -22.81 9.71
C GLY A 369 0.65 -22.59 11.17
N PRO A 370 1.49 -23.00 12.12
CA PRO A 370 2.86 -23.49 11.86
C PRO A 370 2.97 -24.91 11.30
N PHE A 371 1.88 -25.66 11.27
CA PHE A 371 1.91 -27.06 10.84
C PHE A 371 1.88 -27.11 9.32
N ALA A 372 3.00 -26.70 8.76
CA ALA A 372 3.26 -26.72 7.34
C ALA A 372 4.76 -26.90 7.17
N GLU A 373 5.21 -26.96 5.94
CA GLU A 373 6.63 -27.06 5.70
C GLU A 373 7.04 -26.40 4.38
N ASP A 374 8.29 -25.98 4.37
CA ASP A 374 9.01 -25.69 3.16
C ASP A 374 9.54 -27.01 2.63
N SER A 375 9.12 -27.35 1.44
CA SER A 375 9.45 -28.61 0.82
C SER A 375 9.90 -28.32 -0.61
N ASP A 376 10.22 -29.38 -1.36
CA ASP A 376 10.45 -29.22 -2.80
C ASP A 376 9.09 -29.06 -3.50
N SER A 377 8.51 -27.87 -3.31
CA SER A 377 7.21 -27.50 -3.81
C SER A 377 7.21 -26.04 -4.23
N TRP A 378 6.38 -25.74 -5.22
CA TRP A 378 6.27 -24.38 -5.73
C TRP A 378 5.87 -23.39 -4.65
N ASP A 379 6.62 -22.29 -4.63
CA ASP A 379 6.38 -21.20 -3.70
C ASP A 379 6.48 -19.92 -4.51
N THR A 380 5.34 -19.30 -4.78
CA THR A 380 5.30 -18.09 -5.59
C THR A 380 6.11 -16.95 -4.97
N PHE A 381 6.04 -16.82 -3.64
CA PHE A 381 6.78 -15.76 -2.93
C PHE A 381 8.28 -15.95 -3.09
N ALA A 382 8.75 -17.17 -2.88
CA ALA A 382 10.16 -17.48 -3.01
C ALA A 382 10.64 -17.18 -4.43
N ALA A 383 9.90 -17.69 -5.41
CA ALA A 383 10.21 -17.43 -6.81
C ALA A 383 10.27 -15.94 -7.13
N SER A 384 9.33 -15.14 -6.63
CA SER A 384 9.35 -13.72 -6.90
C SER A 384 10.58 -13.05 -6.27
N LEU A 385 10.96 -13.50 -5.08
CA LEU A 385 12.16 -13.02 -4.39
C LEU A 385 13.40 -13.32 -5.21
N ALA A 386 13.53 -14.56 -5.69
CA ALA A 386 14.61 -14.94 -6.58
C ALA A 386 14.61 -14.08 -7.84
N ALA A 387 13.44 -13.85 -8.41
CA ALA A 387 13.30 -13.00 -9.59
C ALA A 387 13.73 -11.56 -9.30
N ALA A 388 13.50 -11.09 -8.08
CA ALA A 388 13.83 -9.72 -7.71
C ALA A 388 15.28 -9.54 -7.30
N GLY A 389 16.03 -10.64 -7.23
CA GLY A 389 17.45 -10.58 -6.91
C GLY A 389 17.77 -10.86 -5.45
N PHE A 390 17.01 -11.74 -4.82
CA PHE A 390 17.27 -12.16 -3.44
C PHE A 390 17.40 -13.65 -3.37
N HIS A 391 18.44 -14.13 -2.70
CA HIS A 391 18.47 -15.51 -2.24
C HIS A 391 17.37 -15.73 -1.21
N VAL A 392 16.86 -16.95 -1.13
CA VAL A 392 15.75 -17.22 -0.24
C VAL A 392 16.08 -18.39 0.68
N VAL A 393 15.77 -18.22 1.97
CA VAL A 393 16.10 -19.20 2.98
C VAL A 393 14.83 -19.53 3.73
N MET A 394 14.49 -20.81 3.75
CA MET A 394 13.17 -21.30 4.08
C MET A 394 13.28 -22.42 5.12
N PRO A 395 13.45 -22.04 6.38
CA PRO A 395 13.68 -23.00 7.45
C PRO A 395 12.43 -23.70 7.99
N ASN A 396 12.51 -25.01 8.11
CA ASN A 396 11.48 -25.80 8.75
C ASN A 396 11.69 -25.79 10.25
N TYR A 397 11.30 -24.68 10.85
CA TYR A 397 11.39 -24.47 12.27
C TYR A 397 10.52 -25.48 12.97
N ARG A 398 10.85 -25.77 14.22
CA ARG A 398 10.07 -26.71 15.02
C ARG A 398 8.62 -26.23 15.06
N GLY A 399 7.69 -27.16 14.84
CA GLY A 399 6.32 -26.83 14.52
C GLY A 399 6.04 -27.30 13.10
N SER A 400 7.07 -27.37 12.26
CA SER A 400 6.91 -27.78 10.86
C SER A 400 6.46 -29.22 10.79
N THR A 401 5.68 -29.52 9.76
CA THR A 401 5.40 -30.89 9.31
C THR A 401 6.56 -31.41 8.49
N GLY A 402 6.49 -32.71 8.17
CA GLY A 402 7.44 -33.37 7.29
C GLY A 402 8.63 -34.04 7.95
N TYR A 403 8.85 -33.77 9.23
CA TYR A 403 10.06 -34.25 9.91
C TYR A 403 9.73 -34.95 11.21
N GLY A 404 8.53 -35.51 11.27
CA GLY A 404 8.12 -36.29 12.41
C GLY A 404 7.32 -35.55 13.45
N GLU A 405 6.65 -36.34 14.29
CA GLU A 405 5.76 -35.85 15.33
C GLU A 405 6.47 -35.03 16.41
N GLU A 406 7.67 -35.44 16.81
CA GLU A 406 8.39 -34.80 17.90
C GLU A 406 8.78 -33.36 17.51
N TRP A 407 9.32 -33.20 16.31
CA TRP A 407 9.67 -31.88 15.78
C TRP A 407 8.47 -30.94 15.67
N ARG A 408 7.37 -31.44 15.13
CA ARG A 408 6.16 -30.64 14.90
C ARG A 408 5.56 -30.21 16.24
N LEU A 409 5.50 -31.12 17.21
CA LEU A 409 4.92 -30.83 18.52
C LEU A 409 5.75 -29.98 19.46
N LYS A 410 7.04 -29.76 19.17
CA LYS A 410 7.88 -28.89 20.01
C LYS A 410 7.35 -27.46 20.15
N ILE A 411 6.68 -26.97 19.11
CA ILE A 411 6.16 -25.63 19.10
C ILE A 411 5.03 -25.44 20.11
N ILE A 412 4.34 -26.52 20.50
CA ILE A 412 3.19 -26.43 21.38
C ILE A 412 3.56 -25.82 22.73
N GLY A 413 2.83 -24.77 23.09
CA GLY A 413 3.06 -24.02 24.32
C GLY A 413 4.24 -23.08 24.26
N ASP A 414 4.85 -22.95 23.08
CA ASP A 414 6.09 -22.18 22.96
C ASP A 414 6.18 -21.37 21.66
N PRO A 415 5.14 -20.62 21.31
CA PRO A 415 5.20 -19.71 20.18
C PRO A 415 6.16 -18.55 20.52
N CYS A 416 6.96 -18.08 19.55
CA CYS A 416 7.98 -17.10 19.83
C CYS A 416 8.91 -17.66 20.90
N GLY A 417 9.47 -18.83 20.63
CA GLY A 417 10.47 -19.42 21.50
C GLY A 417 11.46 -20.19 20.66
N GLY A 418 11.48 -21.50 20.81
CA GLY A 418 12.41 -22.33 20.07
C GLY A 418 12.30 -22.17 18.55
N GLU A 419 11.10 -21.97 18.04
CA GLU A 419 10.92 -21.87 16.59
C GLU A 419 11.55 -20.60 16.03
N LEU A 420 11.44 -19.49 16.76
CA LEU A 420 12.08 -18.24 16.38
C LEU A 420 13.58 -18.41 16.47
N GLU A 421 14.05 -19.18 17.45
CA GLU A 421 15.47 -19.47 17.52
C GLU A 421 15.91 -20.20 16.24
N ASP A 422 15.08 -21.12 15.74
CA ASP A 422 15.40 -21.84 14.50
C ASP A 422 15.49 -20.87 13.32
N VAL A 423 14.54 -19.97 13.24
CA VAL A 423 14.54 -18.93 12.22
C VAL A 423 15.81 -18.07 12.30
N SER A 424 16.23 -17.75 13.51
CA SER A 424 17.40 -16.93 13.75
C SER A 424 18.66 -17.72 13.39
N ALA A 425 18.66 -19.02 13.69
CA ALA A 425 19.78 -19.87 13.34
C ALA A 425 19.92 -19.94 11.84
N ALA A 426 18.81 -19.91 11.13
CA ALA A 426 18.82 -19.94 9.69
C ALA A 426 19.39 -18.63 9.15
N ALA A 427 19.11 -17.51 9.82
CA ALA A 427 19.68 -16.25 9.43
C ALA A 427 21.18 -16.28 9.61
N ARG A 428 21.63 -16.77 10.76
CA ARG A 428 23.05 -16.92 11.09
C ARG A 428 23.69 -17.90 10.10
N TRP A 429 22.99 -18.98 9.78
CA TRP A 429 23.54 -19.93 8.82
C TRP A 429 23.77 -19.23 7.48
N ALA A 430 22.83 -18.39 7.08
CA ALA A 430 22.94 -17.72 5.78
C ALA A 430 24.17 -16.82 5.68
N ARG A 431 24.48 -16.13 6.77
CA ARG A 431 25.60 -15.22 6.80
C ARG A 431 26.92 -15.98 6.89
N GLU A 432 26.95 -16.99 7.76
CA GLU A 432 28.18 -17.70 8.07
C GLU A 432 28.58 -18.68 6.97
N SER A 433 27.58 -19.16 6.22
CA SER A 433 27.85 -20.05 5.10
C SER A 433 28.37 -19.30 3.91
N GLY A 434 28.27 -17.97 3.91
CA GLY A 434 28.72 -17.14 2.81
C GLY A 434 27.64 -16.80 1.80
N LEU A 435 26.40 -17.20 2.06
CA LEU A 435 25.32 -16.92 1.11
C LEU A 435 24.84 -15.45 1.16
N ALA A 436 24.76 -14.89 2.37
CA ALA A 436 24.05 -13.64 2.59
C ALA A 436 25.00 -12.49 2.88
N SER A 437 24.93 -11.45 2.08
CA SER A 437 25.66 -10.20 2.34
C SER A 437 24.82 -9.31 3.24
N GLU A 438 23.52 -9.55 3.23
CA GLU A 438 22.59 -8.85 4.09
C GLU A 438 21.29 -9.66 4.20
N LEU A 439 20.57 -9.48 5.30
CA LEU A 439 19.47 -10.37 5.62
C LEU A 439 18.17 -9.65 5.92
N TYR A 440 17.10 -10.15 5.33
CA TYR A 440 15.75 -9.69 5.60
C TYR A 440 14.91 -10.86 6.07
N ILE A 441 13.84 -10.55 6.78
CA ILE A 441 12.86 -11.56 7.11
C ILE A 441 11.51 -11.19 6.47
N MET A 442 10.83 -12.21 5.96
CA MET A 442 9.52 -12.02 5.34
C MET A 442 8.69 -13.25 5.63
N GLY A 443 7.40 -13.05 5.87
CA GLY A 443 6.50 -14.17 6.04
C GLY A 443 5.06 -13.71 6.08
N TYR A 444 4.17 -14.65 5.75
N TYR A 444 4.16 -14.64 5.77
CA TYR A 444 2.72 -14.48 5.73
CA TYR A 444 2.73 -14.39 5.80
C TYR A 444 2.13 -15.36 6.83
C TYR A 444 2.08 -15.36 6.76
N SER A 445 1.12 -14.86 7.54
CA SER A 445 0.41 -15.64 8.56
C SER A 445 1.35 -15.97 9.73
N TYR A 446 1.55 -17.24 10.07
CA TYR A 446 2.51 -17.55 11.14
C TYR A 446 3.88 -17.02 10.77
N GLY A 447 4.18 -16.99 9.47
CA GLY A 447 5.38 -16.36 8.99
C GLY A 447 5.49 -14.89 9.27
N GLY A 448 4.37 -14.19 9.24
CA GLY A 448 4.37 -12.77 9.52
C GLY A 448 4.50 -12.53 11.01
N TYR A 449 3.93 -13.43 11.79
CA TYR A 449 4.14 -13.45 13.23
C TYR A 449 5.62 -13.54 13.53
N MET A 450 6.32 -14.43 12.82
CA MET A 450 7.76 -14.59 12.97
C MET A 450 8.54 -13.34 12.58
N THR A 451 8.13 -12.65 11.52
CA THR A 451 8.75 -11.36 11.22
C THR A 451 8.68 -10.44 12.41
N LEU A 452 7.47 -10.28 12.95
CA LEU A 452 7.22 -9.36 14.05
C LEU A 452 7.99 -9.79 15.30
N CYS A 453 8.11 -11.09 15.49
CA CYS A 453 8.79 -11.62 16.67
C CYS A 453 10.29 -11.42 16.55
N ALA A 454 10.78 -11.53 15.33
CA ALA A 454 12.19 -11.33 15.06
C ALA A 454 12.56 -9.86 15.23
N LEU A 455 11.73 -8.92 14.79
CA LEU A 455 12.10 -7.52 14.91
C LEU A 455 11.96 -7.04 16.35
N THR A 456 11.06 -7.63 17.12
CA THR A 456 10.89 -7.24 18.52
C THR A 456 11.86 -7.94 19.44
N MET A 457 12.08 -9.25 19.23
CA MET A 457 12.93 -10.06 20.13
C MET A 457 14.36 -10.22 19.65
N LYS A 458 14.61 -9.97 18.37
CA LYS A 458 15.94 -10.10 17.81
C LYS A 458 16.31 -8.85 16.98
N PRO A 459 16.18 -7.67 17.59
CA PRO A 459 16.56 -6.44 16.90
C PRO A 459 18.01 -6.55 16.42
N GLY A 460 18.28 -6.07 15.20
CA GLY A 460 19.61 -6.03 14.64
C GLY A 460 19.98 -7.30 13.90
N LEU A 461 19.15 -8.34 13.99
CA LEU A 461 19.43 -9.61 13.34
C LEU A 461 19.20 -9.44 11.84
N PHE A 462 18.05 -8.86 11.50
CA PHE A 462 17.69 -8.55 10.11
C PHE A 462 17.78 -7.05 9.84
N LYS A 463 17.98 -6.70 8.57
CA LYS A 463 18.03 -5.33 8.11
C LYS A 463 16.64 -4.72 8.03
N ALA A 464 15.65 -5.55 7.71
CA ALA A 464 14.28 -5.10 7.60
C ALA A 464 13.35 -6.30 7.59
N GLY A 465 12.06 -6.06 7.86
CA GLY A 465 11.10 -7.13 7.95
C GLY A 465 9.81 -6.86 7.20
N VAL A 466 9.30 -7.90 6.52
CA VAL A 466 7.97 -7.89 5.89
C VAL A 466 7.06 -8.86 6.65
N ALA A 467 5.97 -8.33 7.17
CA ALA A 467 5.02 -9.11 7.94
C ALA A 467 3.66 -9.04 7.28
N GLY A 468 3.27 -10.10 6.59
CA GLY A 468 1.99 -10.22 5.93
C GLY A 468 0.99 -11.05 6.72
N ALA A 469 -0.26 -10.59 6.73
CA ALA A 469 -1.34 -11.31 7.44
C ALA A 469 -0.85 -11.89 8.77
N SER A 470 -0.25 -11.04 9.58
CA SER A 470 0.48 -11.49 10.75
C SER A 470 -0.42 -11.78 11.92
N VAL A 471 0.00 -12.72 12.77
CA VAL A 471 -0.47 -12.77 14.14
C VAL A 471 0.24 -11.65 14.90
N VAL A 472 -0.53 -10.86 15.63
CA VAL A 472 -0.05 -9.66 16.28
C VAL A 472 -0.26 -9.78 17.79
N ASP A 473 -1.45 -10.20 18.18
CA ASP A 473 -1.83 -10.35 19.57
C ASP A 473 -2.70 -11.58 19.75
N TRP A 474 -2.15 -12.60 20.41
CA TRP A 474 -2.88 -13.85 20.64
C TRP A 474 -4.21 -13.64 21.33
N GLU A 475 -4.22 -12.78 22.34
CA GLU A 475 -5.41 -12.59 23.16
C GLU A 475 -6.52 -11.88 22.38
N GLU A 476 -6.20 -10.75 21.76
CA GLU A 476 -7.22 -10.01 21.06
C GLU A 476 -7.73 -10.84 19.89
N MET A 477 -6.83 -11.52 19.20
CA MET A 477 -7.20 -12.35 18.10
C MET A 477 -8.13 -13.49 18.57
N TYR A 478 -7.84 -14.05 19.73
CA TYR A 478 -8.62 -15.15 20.28
C TYR A 478 -10.07 -14.70 20.47
N GLU A 479 -10.24 -13.53 21.07
CA GLU A 479 -11.55 -12.97 21.33
C GLU A 479 -12.29 -12.64 20.05
N LEU A 480 -11.57 -12.45 18.95
CA LEU A 480 -12.16 -12.22 17.65
C LEU A 480 -12.29 -13.46 16.78
N SER A 481 -11.92 -14.63 17.30
CA SER A 481 -11.82 -15.83 16.50
C SER A 481 -13.07 -16.71 16.66
N ASP A 482 -13.39 -17.44 15.60
CA ASP A 482 -14.43 -18.46 15.62
C ASP A 482 -13.97 -19.72 16.38
N ALA A 483 -14.86 -20.69 16.57
CA ALA A 483 -14.57 -21.87 17.41
C ALA A 483 -13.32 -22.62 17.01
N ALA A 484 -13.11 -22.79 15.72
CA ALA A 484 -11.94 -23.50 15.24
C ALA A 484 -10.68 -22.78 15.69
N PHE A 485 -10.60 -21.48 15.39
CA PHE A 485 -9.38 -20.73 15.64
C PHE A 485 -9.14 -20.50 17.12
N ARG A 486 -10.21 -20.39 17.89
CA ARG A 486 -10.07 -20.22 19.35
C ARG A 486 -9.43 -21.48 19.87
N ASN A 487 -9.95 -22.63 19.46
CA ASN A 487 -9.37 -23.90 19.87
C ASN A 487 -7.91 -24.03 19.43
N PHE A 488 -7.62 -23.67 18.18
CA PHE A 488 -6.25 -23.81 17.70
C PHE A 488 -5.28 -22.93 18.48
N ILE A 489 -5.68 -21.68 18.75
CA ILE A 489 -4.89 -20.76 19.58
C ILE A 489 -4.61 -21.32 20.98
N GLU A 490 -5.64 -21.88 21.61
CA GLU A 490 -5.48 -22.58 22.90
C GLU A 490 -4.42 -23.66 22.81
N GLN A 491 -4.51 -24.48 21.78
CA GLN A 491 -3.56 -25.58 21.60
C GLN A 491 -2.15 -25.07 21.40
N LEU A 492 -1.99 -24.10 20.50
CA LEU A 492 -0.68 -23.56 20.15
C LEU A 492 -0.01 -22.87 21.33
N THR A 493 -0.80 -22.07 22.06
CA THR A 493 -0.29 -21.32 23.21
C THR A 493 -0.27 -22.09 24.54
N GLY A 494 -0.97 -23.22 24.62
CA GLY A 494 -1.23 -23.89 25.88
C GLY A 494 -2.40 -23.34 26.72
N GLY A 495 -3.07 -22.30 26.22
CA GLY A 495 -4.19 -21.70 26.94
C GLY A 495 -3.80 -20.68 28.01
N SER A 496 -2.52 -20.69 28.39
CA SER A 496 -1.95 -19.74 29.32
C SER A 496 -2.09 -18.30 28.83
N ARG A 497 -2.64 -17.42 29.65
CA ARG A 497 -2.76 -16.00 29.33
C ARG A 497 -1.37 -15.32 29.34
N GLU A 498 -0.46 -15.80 30.18
CA GLU A 498 0.93 -15.29 30.16
C GLU A 498 1.65 -15.60 28.85
N ILE A 499 1.46 -16.79 28.29
CA ILE A 499 2.04 -17.11 26.99
C ILE A 499 1.38 -16.25 25.92
N MET A 500 0.07 -16.14 25.98
CA MET A 500 -0.68 -15.34 25.02
C MET A 500 -0.20 -13.88 24.97
N ARG A 501 0.13 -13.33 26.13
CA ARG A 501 0.54 -11.93 26.25
C ARG A 501 2.02 -11.76 25.96
N SER A 502 2.84 -12.53 26.66
CA SER A 502 4.30 -12.37 26.54
C SER A 502 4.83 -12.69 25.13
N ARG A 503 4.14 -13.56 24.40
CA ARG A 503 4.61 -14.01 23.08
C ARG A 503 3.93 -13.24 21.93
N SER A 504 3.29 -12.13 22.27
CA SER A 504 2.60 -11.30 21.30
C SER A 504 3.51 -10.12 21.02
N PRO A 505 3.94 -9.95 19.77
CA PRO A 505 4.90 -8.87 19.44
C PRO A 505 4.37 -7.47 19.71
N ILE A 506 3.05 -7.27 19.77
CA ILE A 506 2.49 -5.96 20.11
C ILE A 506 2.87 -5.49 21.52
N ASN A 507 3.31 -6.41 22.37
CA ASN A 507 3.75 -6.05 23.72
C ASN A 507 5.25 -5.80 23.82
N HIS A 508 5.92 -5.80 22.68
CA HIS A 508 7.38 -5.64 22.64
C HIS A 508 7.80 -4.61 21.58
N VAL A 509 6.91 -3.70 21.23
CA VAL A 509 7.15 -2.75 20.14
C VAL A 509 8.39 -1.88 20.38
N ASP A 510 8.63 -1.50 21.64
CA ASP A 510 9.77 -0.66 22.01
C ASP A 510 11.13 -1.13 21.47
N ARG A 511 11.30 -2.43 21.40
CA ARG A 511 12.57 -3.01 20.97
C ARG A 511 12.81 -2.92 19.45
N ILE A 512 11.78 -2.58 18.68
CA ILE A 512 11.93 -2.55 17.23
C ILE A 512 12.90 -1.45 16.82
N LYS A 513 13.82 -1.82 15.95
CA LYS A 513 14.85 -0.92 15.42
C LYS A 513 14.94 -0.97 13.90
N GLU A 514 14.35 -1.99 13.27
CA GLU A 514 14.44 -2.11 11.83
C GLU A 514 13.16 -1.68 11.14
N PRO A 515 13.30 -1.17 9.92
CA PRO A 515 12.13 -0.87 9.09
C PRO A 515 11.21 -2.08 8.94
N LEU A 516 9.92 -1.84 9.02
CA LEU A 516 8.93 -2.90 9.01
C LEU A 516 7.85 -2.57 8.02
N ALA A 517 7.52 -3.54 7.17
CA ALA A 517 6.44 -3.42 6.19
C ALA A 517 5.35 -4.39 6.60
N LEU A 518 4.17 -3.82 6.84
CA LEU A 518 2.99 -4.57 7.22
C LEU A 518 2.13 -4.69 5.99
N ILE A 519 1.66 -5.89 5.73
CA ILE A 519 0.74 -6.15 4.63
C ILE A 519 -0.39 -7.00 5.18
N HIS A 520 -1.62 -6.66 4.87
CA HIS A 520 -2.74 -7.29 5.52
C HIS A 520 -4.02 -7.13 4.75
N PRO A 521 -4.69 -8.23 4.44
CA PRO A 521 -6.01 -8.17 3.82
C PRO A 521 -7.04 -7.73 4.87
N GLN A 522 -7.92 -6.81 4.50
CA GLN A 522 -8.75 -6.10 5.49
C GLN A 522 -9.78 -6.98 6.18
N ASN A 523 -10.24 -8.01 5.47
CA ASN A 523 -11.28 -8.90 5.99
C ASN A 523 -10.74 -10.24 6.43
N ASP A 524 -9.45 -10.29 6.75
CA ASP A 524 -8.85 -11.51 7.26
C ASP A 524 -9.56 -11.91 8.53
N SER A 525 -10.02 -13.16 8.58
CA SER A 525 -10.72 -13.68 9.77
C SER A 525 -9.95 -14.75 10.53
N ARG A 526 -8.75 -15.10 10.05
CA ARG A 526 -7.83 -15.95 10.78
C ARG A 526 -6.90 -15.06 11.59
N THR A 527 -6.25 -14.14 10.89
CA THR A 527 -5.39 -13.13 11.50
C THR A 527 -6.01 -11.76 11.25
N PRO A 528 -6.90 -11.33 12.15
CA PRO A 528 -7.72 -10.17 11.89
C PRO A 528 -6.91 -8.92 11.84
N LEU A 529 -7.47 -7.92 11.18
CA LEU A 529 -6.81 -6.65 10.95
C LEU A 529 -6.78 -5.82 12.23
N LYS A 530 -7.80 -5.96 13.07
CA LYS A 530 -7.98 -5.08 14.22
C LYS A 530 -6.72 -4.93 15.09
N PRO A 531 -6.10 -6.03 15.52
CA PRO A 531 -4.87 -5.92 16.32
C PRO A 531 -3.71 -5.28 15.54
N LEU A 532 -3.68 -5.49 14.24
CA LEU A 532 -2.68 -4.84 13.39
C LEU A 532 -2.84 -3.32 13.36
N LEU A 533 -4.07 -2.82 13.38
CA LEU A 533 -4.27 -1.37 13.48
C LEU A 533 -3.70 -0.84 14.79
N ARG A 534 -3.86 -1.59 15.88
CA ARG A 534 -3.33 -1.22 17.18
C ARG A 534 -1.81 -1.23 17.16
N LEU A 535 -1.23 -2.24 16.52
CA LEU A 535 0.21 -2.32 16.33
C LEU A 535 0.72 -1.07 15.62
N MET A 536 0.04 -0.67 14.55
CA MET A 536 0.38 0.58 13.84
C MET A 536 0.29 1.78 14.76
N GLY A 537 -0.71 1.80 15.63
CA GLY A 537 -0.80 2.83 16.66
C GLY A 537 0.44 2.90 17.54
N GLU A 538 0.92 1.74 17.96
CA GLU A 538 2.07 1.62 18.85
C GLU A 538 3.36 2.01 18.13
N LEU A 539 3.47 1.62 16.87
CA LEU A 539 4.60 1.98 16.03
C LEU A 539 4.69 3.47 15.82
N LEU A 540 3.53 4.08 15.59
CA LEU A 540 3.41 5.51 15.43
C LEU A 540 3.83 6.21 16.71
N ALA A 541 3.16 5.88 17.81
CA ALA A 541 3.45 6.53 19.10
C ALA A 541 4.91 6.41 19.55
N ARG A 542 5.58 5.33 19.17
CA ARG A 542 6.95 5.07 19.63
C ARG A 542 7.98 5.49 18.59
N GLY A 543 7.53 6.23 17.59
CA GLY A 543 8.43 6.82 16.62
C GLY A 543 9.13 5.81 15.76
N LYS A 544 8.50 4.67 15.53
CA LYS A 544 9.11 3.59 14.75
C LYS A 544 8.83 3.79 13.27
N THR A 545 9.83 3.47 12.45
CA THR A 545 9.67 3.44 11.00
C THR A 545 8.80 2.24 10.62
N PHE A 546 7.75 2.49 9.86
CA PHE A 546 6.99 1.41 9.24
C PHE A 546 6.18 1.86 8.03
N GLU A 547 5.89 0.89 7.19
CA GLU A 547 4.88 1.04 6.18
C GLU A 547 3.82 -0.05 6.32
N ALA A 548 2.70 0.21 5.67
CA ALA A 548 1.56 -0.63 5.79
C ALA A 548 0.76 -0.58 4.51
N HIS A 549 0.24 -1.72 4.13
CA HIS A 549 -0.58 -1.86 2.94
C HIS A 549 -1.74 -2.75 3.34
N ILE A 550 -2.94 -2.18 3.34
CA ILE A 550 -4.14 -2.91 3.65
C ILE A 550 -4.91 -3.12 2.37
N ILE A 551 -5.27 -4.36 2.10
CA ILE A 551 -5.84 -4.65 0.81
C ILE A 551 -7.34 -4.88 0.92
N PRO A 552 -8.09 -4.29 -0.01
CA PRO A 552 -9.55 -4.21 0.11
C PRO A 552 -10.27 -5.48 -0.30
N ASP A 553 -11.42 -5.73 0.35
CA ASP A 553 -12.31 -6.83 0.06
C ASP A 553 -11.56 -8.12 -0.11
N ALA A 554 -10.59 -8.36 0.76
CA ALA A 554 -9.80 -9.56 0.70
C ALA A 554 -9.57 -10.09 2.10
N GLY A 555 -9.32 -11.38 2.18
CA GLY A 555 -9.05 -12.04 3.42
C GLY A 555 -7.77 -12.83 3.29
N HIS A 556 -7.65 -13.83 4.17
CA HIS A 556 -6.46 -14.63 4.31
C HIS A 556 -6.20 -15.52 3.13
N ALA A 557 -7.27 -16.02 2.54
CA ALA A 557 -7.19 -16.92 1.39
C ALA A 557 -7.30 -16.11 0.10
N ILE A 558 -6.19 -16.01 -0.61
CA ILE A 558 -6.12 -15.18 -1.81
C ILE A 558 -6.52 -16.02 -3.01
N ASN A 559 -7.54 -15.55 -3.72
CA ASN A 559 -8.15 -16.29 -4.83
C ASN A 559 -8.22 -15.53 -6.16
N THR A 560 -7.63 -14.34 -6.26
CA THR A 560 -7.49 -13.67 -7.56
C THR A 560 -6.04 -13.26 -7.83
N MET A 561 -5.69 -13.10 -9.09
CA MET A 561 -4.35 -12.64 -9.47
C MET A 561 -4.09 -11.27 -8.88
N GLU A 562 -5.04 -10.36 -9.05
N GLU A 562 -5.05 -10.38 -9.10
CA GLU A 562 -4.82 -8.99 -8.62
CA GLU A 562 -5.01 -9.02 -8.63
C GLU A 562 -4.72 -8.87 -7.11
C GLU A 562 -4.70 -8.93 -7.14
N ASP A 563 -5.38 -9.76 -6.36
CA ASP A 563 -5.25 -9.76 -4.89
C ASP A 563 -3.90 -10.28 -4.47
N ALA A 564 -3.41 -11.30 -5.18
CA ALA A 564 -2.08 -11.83 -4.91
C ALA A 564 -1.04 -10.77 -5.25
N VAL A 565 -1.27 -9.97 -6.30
CA VAL A 565 -0.36 -8.85 -6.63
C VAL A 565 -0.35 -7.80 -5.52
N LYS A 566 -1.50 -7.45 -4.98
CA LYS A 566 -1.56 -6.46 -3.91
C LYS A 566 -0.91 -6.97 -2.61
N ILE A 567 -0.89 -8.28 -2.43
CA ILE A 567 -0.27 -8.90 -1.26
C ILE A 567 1.25 -8.99 -1.40
N LEU A 568 1.71 -9.31 -2.60
CA LEU A 568 3.12 -9.67 -2.81
C LEU A 568 3.96 -8.48 -3.28
N LEU A 569 3.37 -7.61 -4.10
CA LEU A 569 4.11 -6.53 -4.72
C LEU A 569 4.70 -5.54 -3.73
N PRO A 570 3.94 -5.08 -2.74
CA PRO A 570 4.51 -4.19 -1.73
C PRO A 570 5.74 -4.78 -1.03
N ALA A 571 5.71 -6.09 -0.78
CA ALA A 571 6.81 -6.76 -0.11
C ALA A 571 8.10 -6.68 -0.94
N VAL A 572 7.99 -6.98 -2.24
CA VAL A 572 9.15 -7.01 -3.11
C VAL A 572 9.68 -5.59 -3.30
N PHE A 573 8.77 -4.63 -3.50
CA PHE A 573 9.14 -3.22 -3.58
C PHE A 573 9.90 -2.77 -2.35
N PHE A 574 9.40 -3.16 -1.18
CA PHE A 574 9.95 -2.75 0.10
C PHE A 574 11.37 -3.29 0.27
N LEU A 575 11.56 -4.55 -0.06
CA LEU A 575 12.86 -5.17 0.06
C LEU A 575 13.86 -4.62 -0.96
N ALA A 576 13.38 -4.38 -2.18
CA ALA A 576 14.22 -3.76 -3.23
C ALA A 576 14.68 -2.35 -2.81
N THR A 577 13.78 -1.62 -2.17
CA THR A 577 14.08 -0.30 -1.71
C THR A 577 15.10 -0.36 -0.57
N GLN A 578 14.91 -1.35 0.30
CA GLN A 578 15.78 -1.55 1.43
C GLN A 578 17.19 -1.86 0.99
N ARG A 579 17.31 -2.55 -0.14
CA ARG A 579 18.60 -3.00 -0.64
C ARG A 579 19.44 -1.84 -1.23
N GLU A 580 18.78 -0.77 -1.67
CA GLU A 580 19.47 0.47 -2.06
C GLU A 580 20.10 1.16 -0.86
N ARG A 581 19.50 0.93 0.31
CA ARG A 581 19.96 1.35 1.65
C ARG A 581 18.82 2.04 2.41
N PHE B 9 -0.39 -2.58 -15.91
CA PHE B 9 -0.04 -2.24 -14.50
C PHE B 9 1.48 -1.95 -14.32
N SER B 10 2.31 -2.69 -15.05
CA SER B 10 3.74 -2.39 -15.14
C SER B 10 3.96 -1.16 -16.03
N ARG B 11 3.07 -0.94 -17.00
CA ARG B 11 3.06 0.27 -17.82
C ARG B 11 2.65 1.50 -17.00
N ILE B 12 1.83 1.29 -15.99
CA ILE B 12 1.44 2.37 -15.08
C ILE B 12 2.64 2.82 -14.25
N VAL B 13 3.46 1.85 -13.83
CA VAL B 13 4.65 2.15 -13.04
C VAL B 13 5.60 2.98 -13.87
N ARG B 14 5.88 2.53 -15.10
CA ARG B 14 6.75 3.25 -16.02
C ARG B 14 6.24 4.67 -16.28
N ASP B 15 4.93 4.82 -16.44
CA ASP B 15 4.33 6.14 -16.68
C ASP B 15 4.47 7.06 -15.45
N VAL B 16 4.16 6.53 -14.27
CA VAL B 16 4.20 7.32 -13.03
C VAL B 16 5.66 7.69 -12.71
N GLU B 17 6.55 6.72 -12.81
CA GLU B 17 7.97 6.96 -12.61
C GLU B 17 8.55 8.03 -13.51
N ARG B 18 8.27 7.94 -14.81
CA ARG B 18 8.80 8.90 -15.76
C ARG B 18 8.16 10.28 -15.60
N LEU B 19 6.89 10.33 -15.20
CA LEU B 19 6.22 11.61 -14.96
C LEU B 19 6.83 12.32 -13.76
N ILE B 20 7.15 11.55 -12.73
CA ILE B 20 7.78 12.07 -11.52
C ILE B 20 9.23 12.45 -11.81
N ALA B 21 9.89 11.61 -12.63
CA ALA B 21 11.33 11.70 -12.87
C ALA B 21 11.69 12.90 -13.73
N VAL B 22 10.80 13.31 -14.64
CA VAL B 22 11.11 14.43 -15.53
C VAL B 22 11.52 15.67 -14.71
N GLU B 23 12.59 16.31 -15.17
CA GLU B 23 13.22 17.40 -14.42
C GLU B 23 12.33 18.64 -14.34
N LYS B 24 12.23 19.20 -13.13
CA LYS B 24 11.32 20.30 -12.84
C LYS B 24 12.06 21.39 -12.09
N TYR B 25 11.89 22.62 -12.53
CA TYR B 25 12.75 23.70 -12.13
C TYR B 25 11.92 24.88 -11.62
N SER B 26 12.44 25.53 -10.59
CA SER B 26 11.81 26.74 -10.07
C SER B 26 12.91 27.76 -9.82
N LEU B 27 12.62 28.99 -10.21
CA LEU B 27 13.59 30.07 -10.20
C LEU B 27 13.54 30.71 -8.84
N GLN B 28 14.70 30.81 -8.19
CA GLN B 28 14.81 31.37 -6.86
C GLN B 28 15.48 32.73 -6.81
N GLY B 29 16.45 32.97 -7.67
CA GLY B 29 17.07 34.29 -7.74
C GLY B 29 18.34 34.34 -8.53
N VAL B 30 19.17 35.33 -8.18
CA VAL B 30 20.48 35.50 -8.76
C VAL B 30 21.49 35.66 -7.64
N VAL B 31 22.64 35.02 -7.82
CA VAL B 31 23.58 34.75 -6.75
C VAL B 31 24.97 34.63 -7.37
N ASP B 32 26.01 34.70 -6.54
CA ASP B 32 27.40 34.36 -6.95
C ASP B 32 27.83 35.37 -8.00
N GLY B 33 27.38 36.61 -7.82
CA GLY B 33 27.64 37.67 -8.78
C GLY B 33 26.57 37.74 -9.87
N ASP B 34 26.60 36.78 -10.79
CA ASP B 34 25.68 36.78 -11.95
C ASP B 34 25.37 35.36 -12.45
N LYS B 35 24.81 34.54 -11.56
CA LYS B 35 24.41 33.16 -11.83
C LYS B 35 23.00 32.89 -11.28
N LEU B 36 22.22 32.09 -11.98
CA LEU B 36 20.87 31.78 -11.52
C LEU B 36 20.90 30.79 -10.37
N LEU B 37 20.17 31.09 -9.32
CA LEU B 37 19.87 30.11 -8.29
C LEU B 37 18.55 29.41 -8.63
N VAL B 38 18.59 28.09 -8.75
CA VAL B 38 17.47 27.33 -9.26
C VAL B 38 17.25 26.12 -8.36
N VAL B 39 16.03 25.93 -7.85
CA VAL B 39 15.70 24.67 -7.20
C VAL B 39 15.15 23.71 -8.25
N GLY B 40 15.80 22.57 -8.39
CA GLY B 40 15.41 21.59 -9.39
C GLY B 40 15.12 20.23 -8.80
N PHE B 41 14.00 19.64 -9.18
CA PHE B 41 13.83 18.20 -9.03
C PHE B 41 14.57 17.54 -10.18
N SER B 42 15.75 16.98 -9.90
CA SER B 42 16.57 16.32 -10.91
C SER B 42 17.33 15.18 -10.23
N GLU B 43 17.64 14.14 -10.99
CA GLU B 43 18.27 12.93 -10.47
C GLU B 43 17.53 12.45 -9.19
N GLY B 44 16.20 12.44 -9.28
CA GLY B 44 15.35 11.84 -8.26
C GLY B 44 15.20 12.55 -6.93
N SER B 45 15.64 13.80 -6.82
CA SER B 45 15.31 14.56 -5.62
C SER B 45 15.39 16.06 -5.82
N VAL B 46 14.91 16.80 -4.83
CA VAL B 46 14.95 18.27 -4.87
C VAL B 46 16.34 18.71 -4.41
N ASN B 47 17.06 19.35 -5.32
CA ASN B 47 18.37 19.91 -5.05
C ASN B 47 18.37 21.37 -5.48
N ALA B 48 19.42 22.11 -5.11
CA ALA B 48 19.59 23.49 -5.51
C ALA B 48 20.81 23.59 -6.42
N TYR B 49 20.72 24.40 -7.46
CA TYR B 49 21.81 24.54 -8.43
C TYR B 49 22.13 26.00 -8.75
N LEU B 50 23.37 26.24 -9.19
CA LEU B 50 23.75 27.46 -9.90
C LEU B 50 23.65 27.13 -11.38
N TYR B 51 23.18 28.08 -12.18
CA TYR B 51 23.14 27.92 -13.63
C TYR B 51 23.89 29.10 -14.22
N ASP B 52 25.08 28.81 -14.77
CA ASP B 52 25.98 29.81 -15.34
C ASP B 52 25.64 30.16 -16.78
N GLY B 53 24.89 29.28 -17.44
CA GLY B 53 24.62 29.41 -18.87
C GLY B 53 24.87 28.10 -19.60
N GLY B 54 25.83 27.32 -19.11
CA GLY B 54 26.09 25.99 -19.62
C GLY B 54 25.68 24.94 -18.61
N GLU B 55 26.67 24.33 -17.97
CA GLU B 55 26.43 23.23 -17.02
C GLU B 55 25.96 23.77 -15.65
N THR B 56 25.01 23.07 -15.03
CA THR B 56 24.59 23.38 -13.67
C THR B 56 25.57 22.83 -12.64
N VAL B 57 25.75 23.56 -11.54
CA VAL B 57 26.54 23.09 -10.42
C VAL B 57 25.59 22.86 -9.25
N LYS B 58 25.58 21.64 -8.74
CA LYS B 58 24.79 21.27 -7.57
C LYS B 58 25.41 21.86 -6.31
N LEU B 59 24.60 22.60 -5.55
CA LEU B 59 25.04 23.29 -4.33
C LEU B 59 24.97 22.39 -3.09
N ASN B 60 23.87 21.65 -2.97
CA ASN B 60 23.65 20.77 -1.80
C ASN B 60 24.28 19.40 -1.95
N ARG B 61 24.30 18.65 -0.86
CA ARG B 61 24.65 17.24 -0.83
C ARG B 61 23.36 16.41 -0.86
N GLU B 62 22.78 16.17 0.31
CA GLU B 62 21.56 15.40 0.43
C GLU B 62 20.37 16.23 -0.10
N PRO B 63 19.25 15.58 -0.41
CA PRO B 63 18.03 16.28 -0.82
C PRO B 63 17.64 17.45 0.10
N ILE B 64 17.13 18.53 -0.49
CA ILE B 64 16.62 19.67 0.28
C ILE B 64 15.12 19.81 0.11
N ASN B 65 14.53 20.72 0.87
CA ASN B 65 13.13 21.11 0.67
C ASN B 65 13.00 22.41 -0.12
N SER B 66 13.87 23.36 0.18
CA SER B 66 13.88 24.65 -0.49
C SER B 66 15.19 25.40 -0.25
N VAL B 67 15.24 26.65 -0.71
CA VAL B 67 16.33 27.57 -0.40
C VAL B 67 15.72 28.91 -0.01
N LEU B 68 16.44 29.72 0.76
CA LEU B 68 15.92 31.03 1.08
C LEU B 68 16.14 31.97 -0.12
N ASP B 69 15.27 32.98 -0.23
CA ASP B 69 15.39 33.98 -1.28
C ASP B 69 16.72 34.72 -1.07
N PRO B 70 17.61 34.69 -2.06
CA PRO B 70 18.87 35.40 -1.92
C PRO B 70 18.72 36.85 -2.41
N HIS B 71 19.34 37.79 -1.71
CA HIS B 71 19.50 39.15 -2.21
C HIS B 71 20.33 39.00 -3.47
N TYR B 72 20.10 39.86 -4.46
CA TYR B 72 20.86 39.73 -5.71
C TYR B 72 22.35 39.68 -5.47
N GLY B 73 22.99 38.65 -6.04
CA GLY B 73 24.44 38.57 -6.09
C GLY B 73 25.14 38.09 -4.84
N VAL B 74 24.42 37.82 -3.76
CA VAL B 74 25.00 37.31 -2.53
C VAL B 74 25.85 36.06 -2.82
N GLY B 75 26.99 35.89 -2.14
CA GLY B 75 27.91 34.79 -2.40
C GLY B 75 27.64 33.49 -1.62
N ARG B 76 26.38 33.25 -1.27
CA ARG B 76 26.02 32.02 -0.56
C ARG B 76 24.55 31.68 -0.79
N VAL B 77 24.20 30.46 -0.39
CA VAL B 77 22.83 29.96 -0.44
C VAL B 77 22.49 29.34 0.91
N ILE B 78 21.26 29.54 1.36
CA ILE B 78 20.79 28.91 2.58
C ILE B 78 19.79 27.83 2.20
N LEU B 79 20.18 26.58 2.41
CA LEU B 79 19.30 25.46 2.14
C LEU B 79 18.41 25.27 3.34
N VAL B 80 17.17 24.87 3.08
CA VAL B 80 16.22 24.43 4.10
C VAL B 80 16.07 22.92 3.97
N ARG B 81 16.37 22.18 5.04
CA ARG B 81 16.25 20.72 4.97
C ARG B 81 15.63 20.13 6.22
N ASP B 82 14.62 19.30 6.01
CA ASP B 82 13.98 18.52 7.05
C ASP B 82 15.00 17.59 7.68
N VAL B 83 15.25 17.74 8.97
CA VAL B 83 16.16 16.85 9.70
C VAL B 83 15.40 15.86 10.59
N SER B 84 14.12 15.66 10.31
CA SER B 84 13.25 14.81 11.13
C SER B 84 12.41 13.79 10.33
N LYS B 85 12.96 13.24 9.25
CA LYS B 85 12.29 12.16 8.50
C LYS B 85 10.83 12.51 8.06
N GLY B 86 10.61 13.76 7.63
CA GLY B 86 9.34 14.19 7.08
C GLY B 86 8.41 14.99 7.97
N ALA B 87 8.74 15.13 9.26
CA ALA B 87 7.91 15.89 10.19
C ALA B 87 8.09 17.39 10.04
N GLU B 88 8.97 17.77 9.14
CA GLU B 88 9.21 19.17 8.75
C GLU B 88 9.70 20.02 9.91
N GLN B 89 10.63 19.46 10.67
CA GLN B 89 11.49 20.20 11.55
C GLN B 89 12.74 20.44 10.73
N HIS B 90 12.80 21.61 10.10
CA HIS B 90 13.91 21.98 9.23
C HIS B 90 15.07 22.60 9.96
N ALA B 91 16.26 22.40 9.40
CA ALA B 91 17.45 23.13 9.79
C ALA B 91 17.93 23.87 8.58
N LEU B 92 18.72 24.89 8.82
CA LEU B 92 19.29 25.70 7.77
C LEU B 92 20.74 25.32 7.59
N PHE B 93 21.17 25.32 6.34
CA PHE B 93 22.52 24.95 5.98
C PHE B 93 23.04 26.01 5.02
N LYS B 94 24.20 26.56 5.31
CA LYS B 94 24.77 27.59 4.50
C LYS B 94 25.70 26.91 3.51
N VAL B 95 25.65 27.34 2.26
CA VAL B 95 26.62 26.91 1.26
C VAL B 95 27.23 28.15 0.66
N ASN B 96 28.55 28.27 0.74
CA ASN B 96 29.30 29.27 -0.02
C ASN B 96 29.25 28.83 -1.49
N THR B 97 28.83 29.74 -2.37
CA THR B 97 28.69 29.46 -3.81
C THR B 97 30.01 29.13 -4.53
N SER B 98 31.11 29.65 -4.01
CA SER B 98 32.43 29.32 -4.55
C SER B 98 32.88 27.91 -4.17
N ARG B 99 32.21 27.29 -3.18
CA ARG B 99 32.54 25.94 -2.72
C ARG B 99 31.31 25.04 -2.64
N PRO B 100 30.75 24.67 -3.80
CA PRO B 100 29.50 23.91 -3.83
C PRO B 100 29.67 22.52 -3.24
N GLY B 101 28.63 22.04 -2.56
CA GLY B 101 28.62 20.74 -1.92
C GLY B 101 29.21 20.73 -0.51
N GLU B 102 29.54 21.90 0.02
CA GLU B 102 30.04 22.01 1.39
C GLU B 102 29.02 22.76 2.21
N GLU B 103 28.48 22.09 3.21
CA GLU B 103 27.35 22.58 3.98
C GLU B 103 27.78 22.93 5.40
N GLN B 104 27.30 24.06 5.88
CA GLN B 104 27.49 24.48 7.27
C GLN B 104 26.10 24.65 7.85
N ARG B 105 25.74 23.72 8.73
CA ARG B 105 24.49 23.80 9.45
C ARG B 105 24.54 25.03 10.34
N LEU B 106 23.46 25.82 10.30
CA LEU B 106 23.34 26.99 11.15
C LEU B 106 22.79 26.55 12.49
N GLU B 107 23.71 26.24 13.40
CA GLU B 107 23.41 25.57 14.65
C GLU B 107 22.69 26.47 15.65
N ALA B 108 22.76 27.78 15.44
CA ALA B 108 22.02 28.75 16.26
C ALA B 108 20.50 28.63 16.09
N VAL B 109 20.05 28.06 14.97
CA VAL B 109 18.63 27.82 14.75
C VAL B 109 18.24 26.37 15.02
N LYS B 110 17.52 26.16 16.12
CA LYS B 110 16.99 24.85 16.48
C LYS B 110 16.00 24.44 15.37
N PRO B 111 15.86 23.14 15.10
CA PRO B 111 14.89 22.70 14.11
C PRO B 111 13.49 23.26 14.40
N MET B 112 12.82 23.70 13.35
CA MET B 112 11.46 24.20 13.43
C MET B 112 10.87 24.14 12.04
N ARG B 113 9.58 24.35 11.92
CA ARG B 113 8.99 24.42 10.60
C ARG B 113 9.32 25.78 9.99
N ILE B 114 10.25 25.79 9.04
CA ILE B 114 10.60 27.00 8.31
C ILE B 114 9.53 27.25 7.27
N LEU B 115 8.88 28.40 7.40
CA LEU B 115 7.80 28.80 6.50
C LEU B 115 8.29 29.61 5.32
N SER B 116 9.37 30.36 5.53
CA SER B 116 9.90 31.26 4.52
C SER B 116 11.20 31.88 4.98
N GLY B 117 11.87 32.55 4.06
CA GLY B 117 13.05 33.30 4.43
C GLY B 117 13.79 33.93 3.28
N VAL B 118 14.58 34.94 3.64
CA VAL B 118 15.40 35.70 2.73
C VAL B 118 16.78 35.81 3.34
N ASP B 119 17.79 35.86 2.48
CA ASP B 119 19.14 36.03 2.91
C ASP B 119 19.62 37.33 2.28
N THR B 120 19.94 38.31 3.11
CA THR B 120 20.46 39.59 2.63
C THR B 120 21.94 39.50 2.29
N GLY B 121 22.60 38.47 2.82
CA GLY B 121 24.05 38.37 2.76
C GLY B 121 24.68 38.64 4.12
N GLU B 122 24.11 39.60 4.86
CA GLU B 122 24.53 39.91 6.22
C GLU B 122 23.66 39.20 7.26
N ALA B 123 22.39 38.97 6.91
CA ALA B 123 21.42 38.38 7.83
C ALA B 123 20.53 37.36 7.10
N VAL B 124 20.23 36.28 7.79
CA VAL B 124 19.31 35.28 7.28
C VAL B 124 18.02 35.51 8.08
N VAL B 125 16.95 35.85 7.38
CA VAL B 125 15.71 36.32 7.98
C VAL B 125 14.61 35.36 7.57
N PHE B 126 13.92 34.79 8.53
CA PHE B 126 12.96 33.75 8.25
C PHE B 126 11.78 33.76 9.24
N THR B 127 10.67 33.15 8.81
CA THR B 127 9.57 32.85 9.70
C THR B 127 9.53 31.37 9.95
N GLY B 128 9.18 31.00 11.17
CA GLY B 128 9.16 29.62 11.55
C GLY B 128 8.11 29.34 12.58
N ALA B 129 7.59 28.13 12.54
CA ALA B 129 6.56 27.68 13.47
C ALA B 129 7.13 26.61 14.38
N THR B 130 6.92 26.78 15.68
CA THR B 130 7.17 25.76 16.68
C THR B 130 5.86 25.40 17.33
N GLU B 131 5.90 24.60 18.39
CA GLU B 131 4.70 24.30 19.12
C GLU B 131 4.00 25.55 19.68
N ASP B 132 4.77 26.51 20.19
CA ASP B 132 4.13 27.60 20.93
C ASP B 132 3.95 28.90 20.14
N ARG B 133 4.59 29.02 18.98
CA ARG B 133 4.53 30.26 18.24
C ARG B 133 4.90 30.15 16.78
N VAL B 134 4.40 31.13 16.02
CA VAL B 134 4.97 31.52 14.76
C VAL B 134 5.75 32.80 15.01
N ALA B 135 6.95 32.87 14.48
CA ALA B 135 7.81 34.00 14.73
C ALA B 135 8.66 34.35 13.53
N LEU B 136 9.07 35.61 13.53
CA LEU B 136 9.96 36.18 12.55
C LEU B 136 11.32 36.30 13.25
N TYR B 137 12.35 35.78 12.59
CA TYR B 137 13.69 35.67 13.14
C TYR B 137 14.73 36.31 12.23
N ALA B 138 15.83 36.77 12.83
CA ALA B 138 17.00 37.18 12.06
C ALA B 138 18.25 36.60 12.69
N LEU B 139 19.07 35.98 11.84
CA LEU B 139 20.35 35.44 12.24
C LEU B 139 21.41 36.28 11.55
N ASP B 140 22.20 37.00 12.34
CA ASP B 140 23.36 37.72 11.80
C ASP B 140 24.62 37.24 12.52
N GLY B 141 25.73 37.93 12.33
CA GLY B 141 26.97 37.56 12.98
C GLY B 141 26.91 37.62 14.50
N GLY B 142 25.96 38.39 15.04
CA GLY B 142 25.71 38.47 16.48
C GLY B 142 24.96 37.30 17.10
N GLY B 143 24.24 36.51 16.29
CA GLY B 143 23.43 35.42 16.81
C GLY B 143 22.00 35.52 16.34
N LEU B 144 21.15 34.67 16.90
CA LEU B 144 19.75 34.60 16.48
C LEU B 144 18.91 35.55 17.32
N ARG B 145 18.01 36.27 16.68
CA ARG B 145 17.10 37.16 17.38
C ARG B 145 15.67 36.85 16.92
N GLU B 146 14.72 36.80 17.85
CA GLU B 146 13.33 36.78 17.48
C GLU B 146 12.90 38.23 17.30
N LEU B 147 12.55 38.60 16.07
CA LEU B 147 12.10 39.95 15.77
C LEU B 147 10.69 40.22 16.24
N ALA B 148 9.80 39.25 16.03
CA ALA B 148 8.40 39.39 16.41
C ALA B 148 7.73 38.03 16.49
N ARG B 149 6.71 37.95 17.32
CA ARG B 149 5.76 36.85 17.23
C ARG B 149 4.65 37.25 16.26
N LEU B 150 4.27 36.33 15.38
CA LEU B 150 3.19 36.56 14.43
C LEU B 150 1.93 35.86 14.89
N PRO B 151 0.76 36.43 14.61
CA PRO B 151 -0.53 35.76 14.89
C PRO B 151 -0.79 34.40 14.22
N GLY B 152 -0.25 34.17 13.03
CA GLY B 152 -0.41 32.89 12.36
C GLY B 152 0.67 32.72 11.31
N PHE B 153 0.44 31.81 10.36
CA PHE B 153 1.32 31.63 9.22
C PHE B 153 1.70 33.01 8.71
N GLY B 154 3.00 33.24 8.59
CA GLY B 154 3.51 34.49 8.03
C GLY B 154 4.73 34.19 7.19
N PHE B 155 5.00 35.05 6.22
CA PHE B 155 6.01 34.81 5.19
C PHE B 155 6.80 36.08 4.95
N VAL B 156 8.13 35.98 4.95
CA VAL B 156 8.96 37.14 4.62
C VAL B 156 8.84 37.31 3.12
N SER B 157 8.58 38.54 2.68
CA SER B 157 8.49 38.86 1.25
C SER B 157 9.77 39.53 0.73
N ASP B 158 10.30 40.47 1.50
CA ASP B 158 11.40 41.29 1.01
C ASP B 158 12.09 42.02 2.14
N ILE B 159 13.36 42.35 1.91
CA ILE B 159 14.15 43.16 2.82
C ILE B 159 14.93 44.19 2.02
N ARG B 160 14.88 45.45 2.44
CA ARG B 160 15.76 46.50 1.92
C ARG B 160 16.19 47.37 3.07
N GLY B 161 17.50 47.50 3.29
CA GLY B 161 18.01 48.09 4.50
C GLY B 161 17.48 47.36 5.72
N ASP B 162 17.03 48.11 6.72
CA ASP B 162 16.51 47.50 7.94
C ASP B 162 15.00 47.22 7.86
N LEU B 163 14.40 47.45 6.70
CA LEU B 163 12.96 47.24 6.57
C LEU B 163 12.67 45.85 6.07
N ILE B 164 11.92 45.08 6.85
CA ILE B 164 11.44 43.79 6.41
C ILE B 164 9.96 43.90 6.10
N ALA B 165 9.55 43.28 5.00
CA ALA B 165 8.14 43.24 4.59
C ALA B 165 7.72 41.78 4.40
N GLY B 166 6.51 41.47 4.84
CA GLY B 166 6.00 40.11 4.76
C GLY B 166 4.49 40.05 4.65
N LEU B 167 3.97 38.85 4.49
CA LEU B 167 2.53 38.63 4.41
C LEU B 167 2.12 37.69 5.50
N GLY B 168 1.00 37.98 6.15
CA GLY B 168 0.54 37.22 7.29
C GLY B 168 -0.92 36.79 7.17
N PHE B 169 -1.17 35.50 7.37
CA PHE B 169 -2.51 35.01 7.51
C PHE B 169 -2.89 35.16 8.99
N PHE B 170 -3.30 36.36 9.36
CA PHE B 170 -3.53 36.70 10.76
C PHE B 170 -5.00 36.75 11.16
N GLY B 171 -5.89 36.38 10.26
CA GLY B 171 -7.29 36.18 10.63
C GLY B 171 -8.27 36.12 9.47
N GLY B 172 -9.28 35.26 9.63
CA GLY B 172 -10.41 35.14 8.72
C GLY B 172 -10.07 34.78 7.29
N GLY B 173 -8.92 34.14 7.09
CA GLY B 173 -8.41 33.84 5.76
C GLY B 173 -7.83 35.03 5.03
N ARG B 174 -7.80 36.19 5.68
CA ARG B 174 -7.31 37.41 5.08
C ARG B 174 -5.80 37.44 5.20
N VAL B 175 -5.15 38.02 4.20
CA VAL B 175 -3.71 38.22 4.21
C VAL B 175 -3.40 39.70 4.54
N SER B 176 -2.64 39.90 5.61
CA SER B 176 -2.18 41.21 6.02
C SER B 176 -0.80 41.41 5.47
N LEU B 177 -0.41 42.65 5.30
CA LEU B 177 0.98 43.01 5.11
C LEU B 177 1.57 43.22 6.51
N PHE B 178 2.82 42.83 6.71
CA PHE B 178 3.51 43.19 7.93
C PHE B 178 4.90 43.70 7.62
N THR B 179 5.41 44.54 8.51
CA THR B 179 6.79 44.95 8.46
C THR B 179 7.43 44.76 9.81
N SER B 180 8.74 44.67 9.80
CA SER B 180 9.53 44.64 11.01
C SER B 180 10.80 45.37 10.69
N ASN B 181 11.66 45.45 11.69
CA ASN B 181 12.96 46.08 11.55
C ASN B 181 14.03 44.99 11.76
N LEU B 182 14.91 44.83 10.77
CA LEU B 182 15.99 43.86 10.82
C LEU B 182 16.82 43.99 12.10
N SER B 183 17.10 45.24 12.50
CA SER B 183 18.00 45.51 13.62
C SER B 183 17.35 45.43 15.01
N SER B 184 16.12 45.91 15.15
CA SER B 184 15.49 46.01 16.47
C SER B 184 14.11 45.35 16.58
N GLY B 185 13.69 44.62 15.55
CA GLY B 185 12.45 43.88 15.57
C GLY B 185 11.20 44.73 15.62
N GLY B 186 10.17 44.20 16.27
CA GLY B 186 8.86 44.80 16.31
C GLY B 186 7.99 44.25 15.20
N LEU B 187 6.73 44.65 15.22
CA LEU B 187 5.77 44.25 14.19
C LEU B 187 4.76 45.35 13.97
N ARG B 188 4.60 45.73 12.72
CA ARG B 188 3.50 46.60 12.30
C ARG B 188 2.67 45.79 11.31
N VAL B 189 1.35 45.78 11.50
CA VAL B 189 0.45 44.99 10.68
C VAL B 189 -0.50 45.92 9.94
N PHE B 190 -0.54 45.77 8.63
CA PHE B 190 -1.38 46.57 7.76
C PHE B 190 -2.46 45.70 7.14
N ASP B 191 -3.69 46.08 7.43
CA ASP B 191 -4.87 45.34 7.01
C ASP B 191 -5.64 46.20 6.05
N SER B 192 -6.01 45.64 4.91
CA SER B 192 -6.91 46.30 3.97
C SER B 192 -8.32 45.81 4.23
N GLY B 193 -9.28 46.74 4.24
CA GLY B 193 -10.70 46.41 4.29
C GLY B 193 -11.28 45.94 2.95
N GLU B 194 -10.53 46.11 1.87
CA GLU B 194 -10.98 45.77 0.52
C GLU B 194 -10.55 44.39 0.05
N GLY B 195 -9.61 43.77 0.76
CA GLY B 195 -9.09 42.49 0.37
C GLY B 195 -7.79 42.10 1.06
N SER B 196 -6.99 41.30 0.36
CA SER B 196 -5.79 40.69 0.92
C SER B 196 -4.58 41.09 0.11
N PHE B 197 -3.47 41.35 0.81
CA PHE B 197 -2.18 41.52 0.15
C PHE B 197 -1.67 40.16 -0.30
N SER B 198 -1.05 40.08 -1.48
CA SER B 198 -0.76 38.77 -2.08
C SER B 198 0.71 38.57 -2.46
N SER B 199 1.43 39.68 -2.56
CA SER B 199 2.88 39.72 -2.75
C SER B 199 3.34 41.11 -2.32
N ALA B 200 4.63 41.22 -2.02
CA ALA B 200 5.19 42.48 -1.57
C ALA B 200 6.66 42.63 -1.94
N SER B 201 7.04 43.87 -2.24
CA SER B 201 8.44 44.21 -2.48
C SER B 201 8.67 45.69 -2.14
N ILE B 202 9.79 45.95 -1.46
CA ILE B 202 10.11 47.29 -0.99
C ILE B 202 10.76 48.07 -2.09
N SER B 203 10.19 49.23 -2.44
CA SER B 203 10.76 50.10 -3.45
C SER B 203 12.07 50.73 -2.95
N PRO B 204 12.87 51.30 -3.85
CA PRO B 204 14.04 52.11 -3.45
C PRO B 204 13.68 53.24 -2.50
N GLY B 205 12.46 53.79 -2.64
CA GLY B 205 11.97 54.84 -1.77
C GLY B 205 11.45 54.34 -0.42
N MET B 206 11.69 53.07 -0.12
CA MET B 206 11.38 52.46 1.17
C MET B 206 9.87 52.46 1.49
N LYS B 207 9.07 52.29 0.44
CA LYS B 207 7.65 52.03 0.54
C LYS B 207 7.46 50.56 0.17
N VAL B 208 6.36 49.96 0.62
CA VAL B 208 6.05 48.58 0.26
C VAL B 208 5.02 48.55 -0.86
N THR B 209 5.46 48.12 -2.04
CA THR B 209 4.55 47.81 -3.13
C THR B 209 3.96 46.43 -2.87
N ALA B 210 2.65 46.32 -2.98
CA ALA B 210 1.95 45.06 -2.70
C ALA B 210 0.84 44.85 -3.69
N GLY B 211 0.62 43.62 -4.11
CA GLY B 211 -0.59 43.27 -4.80
C GLY B 211 -1.70 43.26 -3.75
N LEU B 212 -2.86 43.78 -4.14
CA LEU B 212 -4.04 43.77 -3.29
C LEU B 212 -5.12 43.08 -4.11
N GLU B 213 -5.58 41.94 -3.62
CA GLU B 213 -6.62 41.16 -4.30
C GLU B 213 -7.95 41.45 -3.63
N THR B 214 -8.83 42.16 -4.33
CA THR B 214 -10.15 42.56 -3.82
C THR B 214 -11.22 41.59 -4.34
N ALA B 215 -12.49 41.92 -4.12
CA ALA B 215 -13.61 41.02 -4.39
C ALA B 215 -13.41 40.14 -5.62
N ARG B 216 -13.28 40.75 -6.80
CA ARG B 216 -13.10 39.98 -8.04
C ARG B 216 -11.98 40.52 -8.94
N GLU B 217 -11.03 41.26 -8.37
CA GLU B 217 -9.95 41.85 -9.16
C GLU B 217 -8.68 42.10 -8.32
N ALA B 218 -7.59 42.46 -8.98
CA ALA B 218 -6.33 42.70 -8.25
C ALA B 218 -5.68 43.97 -8.77
N ARG B 219 -5.10 44.73 -7.86
CA ARG B 219 -4.35 45.90 -8.24
C ARG B 219 -3.10 46.09 -7.39
N LEU B 220 -2.28 47.07 -7.75
CA LEU B 220 -1.05 47.32 -7.05
C LEU B 220 -1.25 48.55 -6.18
N VAL B 221 -0.73 48.49 -4.96
CA VAL B 221 -0.79 49.60 -4.02
C VAL B 221 0.57 49.82 -3.40
N THR B 222 0.76 51.04 -2.89
CA THR B 222 1.94 51.46 -2.14
C THR B 222 1.51 51.59 -0.69
N VAL B 223 2.26 50.98 0.21
CA VAL B 223 2.04 51.12 1.64
C VAL B 223 3.30 51.77 2.22
N ASP B 224 3.13 52.91 2.89
CA ASP B 224 4.20 53.53 3.63
C ASP B 224 4.18 52.86 5.00
N PRO B 225 5.29 52.26 5.44
CA PRO B 225 5.32 51.59 6.75
C PRO B 225 5.35 52.51 7.99
N ARG B 226 5.72 53.78 7.83
CA ARG B 226 5.77 54.74 8.94
C ARG B 226 4.36 55.09 9.46
N ASP B 227 3.57 55.77 8.63
CA ASP B 227 2.13 55.88 8.84
C ASP B 227 1.60 54.70 8.06
N GLY B 228 0.31 54.44 8.11
CA GLY B 228 -0.21 53.28 7.39
C GLY B 228 -0.78 53.66 6.05
N SER B 229 -0.25 54.72 5.43
CA SER B 229 -0.86 55.29 4.23
C SER B 229 -0.75 54.38 3.01
N VAL B 230 -1.90 54.12 2.39
CA VAL B 230 -2.01 53.29 1.20
C VAL B 230 -2.49 54.13 0.02
N GLU B 231 -1.72 54.14 -1.06
CA GLU B 231 -2.17 54.71 -2.33
C GLU B 231 -2.27 53.60 -3.37
N ASP B 232 -2.95 53.88 -4.46
CA ASP B 232 -2.84 53.03 -5.63
C ASP B 232 -1.52 53.38 -6.29
N LEU B 233 -0.83 52.37 -6.78
CA LEU B 233 0.41 52.58 -7.53
C LEU B 233 0.06 52.55 -9.00
N GLU B 234 0.43 53.60 -9.71
CA GLU B 234 0.23 53.68 -11.14
C GLU B 234 1.58 53.56 -11.83
N LEU B 235 1.62 52.81 -12.92
CA LEU B 235 2.87 52.52 -13.63
C LEU B 235 2.94 53.34 -14.92
N PRO B 236 4.14 53.53 -15.47
CA PRO B 236 4.28 54.31 -16.71
C PRO B 236 3.53 53.70 -17.90
N SER B 237 3.55 52.37 -18.03
CA SER B 237 2.75 51.68 -19.05
C SER B 237 1.45 51.21 -18.43
N LYS B 238 0.40 51.15 -19.25
CA LYS B 238 -0.94 50.83 -18.78
C LYS B 238 -1.38 49.42 -19.18
N ASP B 239 -0.46 48.60 -19.71
CA ASP B 239 -0.79 47.22 -20.08
C ASP B 239 -1.26 46.40 -18.86
N PHE B 240 -0.65 46.63 -17.70
CA PHE B 240 -1.03 45.88 -16.52
C PHE B 240 -2.48 46.17 -16.09
N SER B 241 -2.84 47.44 -15.96
CA SER B 241 -4.20 47.79 -15.53
C SER B 241 -5.25 47.34 -16.55
N SER B 242 -4.91 47.42 -17.85
CA SER B 242 -5.81 46.95 -18.92
C SER B 242 -5.95 45.43 -18.96
N TYR B 243 -4.91 44.73 -18.52
CA TYR B 243 -4.97 43.28 -18.41
C TYR B 243 -6.10 42.85 -17.46
N ARG B 244 -6.40 43.69 -16.47
CA ARG B 244 -7.45 43.44 -15.48
C ARG B 244 -7.21 42.13 -14.76
N PRO B 245 -6.06 42.00 -14.09
CA PRO B 245 -5.71 40.76 -13.41
C PRO B 245 -6.68 40.45 -12.28
N THR B 246 -6.93 39.18 -12.03
CA THR B 246 -7.72 38.77 -10.87
C THR B 246 -6.84 38.48 -9.67
N ALA B 247 -5.59 38.13 -9.94
CA ALA B 247 -4.68 37.75 -8.89
C ALA B 247 -3.29 38.26 -9.21
N ILE B 248 -2.50 38.55 -8.18
CA ILE B 248 -1.09 38.80 -8.38
C ILE B 248 -0.29 37.62 -7.83
N THR B 249 0.44 36.96 -8.72
CA THR B 249 1.28 35.82 -8.38
C THR B 249 2.53 36.27 -7.62
N TRP B 250 3.23 37.24 -8.20
CA TRP B 250 4.48 37.71 -7.63
C TRP B 250 4.79 39.10 -8.16
N LEU B 251 5.55 39.85 -7.37
CA LEU B 251 6.17 41.07 -7.85
C LEU B 251 7.45 41.34 -7.10
N GLY B 252 8.34 42.09 -7.73
CA GLY B 252 9.59 42.45 -7.11
C GLY B 252 10.34 43.51 -7.90
N TYR B 253 11.03 44.38 -7.20
CA TYR B 253 11.92 45.35 -7.83
C TYR B 253 13.19 44.66 -8.28
N LEU B 254 13.54 44.88 -9.55
CA LEU B 254 14.84 44.46 -10.07
C LEU B 254 15.91 45.42 -9.54
N PRO B 255 17.20 45.08 -9.66
CA PRO B 255 18.25 46.00 -9.20
C PRO B 255 18.29 47.35 -9.95
N ASP B 256 17.83 47.40 -11.19
CA ASP B 256 17.75 48.67 -11.94
C ASP B 256 16.54 49.54 -11.56
N GLY B 257 15.73 49.09 -10.60
CA GLY B 257 14.64 49.88 -10.06
C GLY B 257 13.29 49.62 -10.70
N ARG B 258 13.29 48.87 -11.80
CA ARG B 258 12.04 48.53 -12.49
C ARG B 258 11.26 47.51 -11.68
N LEU B 259 9.94 47.70 -11.59
CA LEU B 259 9.05 46.75 -10.92
C LEU B 259 8.54 45.65 -11.88
N ALA B 260 8.86 44.41 -11.57
CA ALA B 260 8.36 43.29 -12.34
C ALA B 260 7.15 42.74 -11.60
N VAL B 261 6.15 42.33 -12.37
CA VAL B 261 4.91 41.82 -11.82
C VAL B 261 4.46 40.64 -12.68
N VAL B 262 4.16 39.52 -12.04
CA VAL B 262 3.43 38.44 -12.65
C VAL B 262 2.02 38.48 -12.05
N ALA B 263 1.02 38.61 -12.93
CA ALA B 263 -0.37 38.64 -12.52
C ALA B 263 -1.11 37.64 -13.37
N ARG B 264 -2.32 37.27 -12.95
CA ARG B 264 -3.03 36.23 -13.66
C ARG B 264 -4.55 36.39 -13.65
N ARG B 265 -5.16 35.77 -14.65
CA ARG B 265 -6.60 35.64 -14.78
C ARG B 265 -6.87 34.23 -15.29
N GLU B 266 -7.91 33.59 -14.76
CA GLU B 266 -8.41 32.33 -15.31
C GLU B 266 -7.33 31.26 -15.48
N GLY B 267 -6.41 31.18 -14.52
CA GLY B 267 -5.39 30.14 -14.51
C GLY B 267 -4.21 30.31 -15.45
N ARG B 268 -4.06 31.48 -16.07
CA ARG B 268 -2.82 31.80 -16.79
C ARG B 268 -2.33 33.17 -16.38
N SER B 269 -1.02 33.35 -16.46
CA SER B 269 -0.39 34.57 -15.99
C SER B 269 0.25 35.36 -17.13
N ALA B 270 0.56 36.61 -16.82
CA ALA B 270 1.24 37.53 -17.70
C ALA B 270 2.32 38.29 -16.93
N VAL B 271 3.39 38.61 -17.63
CA VAL B 271 4.54 39.30 -17.07
C VAL B 271 4.50 40.78 -17.46
N PHE B 272 4.85 41.64 -16.51
CA PHE B 272 4.89 43.09 -16.73
C PHE B 272 6.14 43.68 -16.11
N ILE B 273 6.83 44.55 -16.84
CA ILE B 273 7.93 45.35 -16.30
C ILE B 273 7.49 46.80 -16.33
N ASP B 274 7.40 47.43 -15.17
CA ASP B 274 6.94 48.81 -15.05
C ASP B 274 5.62 49.05 -15.78
N GLY B 275 4.74 48.06 -15.70
CA GLY B 275 3.42 48.11 -16.32
C GLY B 275 3.33 47.51 -17.70
N GLU B 276 4.44 47.39 -18.41
CA GLU B 276 4.42 46.98 -19.81
C GLU B 276 4.46 45.48 -19.98
N ARG B 277 3.65 44.95 -20.89
CA ARG B 277 3.61 43.53 -21.19
C ARG B 277 4.95 43.04 -21.72
N VAL B 278 5.50 42.02 -21.09
CA VAL B 278 6.60 41.26 -21.65
C VAL B 278 6.01 39.93 -22.06
N GLU B 279 6.15 39.58 -23.34
CA GLU B 279 5.59 38.35 -23.87
C GLU B 279 6.26 37.15 -23.18
N ALA B 280 5.45 36.16 -22.86
CA ALA B 280 5.94 34.95 -22.18
C ALA B 280 5.12 33.76 -22.66
N PRO B 281 5.70 32.56 -22.59
CA PRO B 281 4.98 31.36 -23.03
C PRO B 281 3.68 31.17 -22.23
N GLN B 282 2.63 30.73 -22.92
CA GLN B 282 1.32 30.51 -22.33
C GLN B 282 1.34 29.53 -21.14
N GLY B 283 0.65 29.90 -20.07
CA GLY B 283 0.64 29.11 -18.83
C GLY B 283 0.81 30.00 -17.61
N ASN B 284 1.64 29.57 -16.66
CA ASN B 284 1.98 30.37 -15.51
C ASN B 284 3.46 30.55 -15.32
N HIS B 285 3.81 31.67 -14.72
CA HIS B 285 5.18 32.08 -14.52
C HIS B 285 5.38 32.40 -13.05
N GLY B 286 6.63 32.39 -12.64
CA GLY B 286 6.98 32.66 -11.26
C GLY B 286 7.71 33.97 -11.19
N ARG B 287 8.67 34.04 -10.28
CA ARG B 287 9.40 35.28 -10.13
C ARG B 287 10.17 35.62 -11.40
N VAL B 288 10.43 36.91 -11.57
CA VAL B 288 11.15 37.41 -12.72
C VAL B 288 12.44 38.02 -12.21
N VAL B 289 13.55 37.60 -12.80
CA VAL B 289 14.85 38.11 -12.41
C VAL B 289 15.49 38.80 -13.61
N LEU B 290 16.38 39.74 -13.31
CA LEU B 290 17.28 40.28 -14.31
C LEU B 290 18.57 39.49 -14.24
N TRP B 291 19.03 39.00 -15.38
CA TRP B 291 20.22 38.14 -15.45
C TRP B 291 20.88 38.32 -16.82
N ARG B 292 22.07 38.91 -16.83
CA ARG B 292 22.81 39.22 -18.06
C ARG B 292 21.97 40.07 -19.03
N GLY B 293 21.31 41.10 -18.51
CA GLY B 293 20.45 41.95 -19.32
C GLY B 293 19.25 41.28 -19.99
N LYS B 294 18.86 40.11 -19.51
CA LYS B 294 17.71 39.38 -20.03
C LYS B 294 16.76 39.05 -18.89
N LEU B 295 15.47 39.13 -19.16
CA LEU B 295 14.47 38.74 -18.17
C LEU B 295 14.36 37.24 -18.20
N VAL B 296 14.34 36.63 -17.03
CA VAL B 296 14.23 35.19 -16.88
C VAL B 296 13.12 34.92 -15.88
N THR B 297 12.25 33.98 -16.20
CA THR B 297 11.27 33.52 -15.24
C THR B 297 11.17 32.00 -15.29
N SER B 298 10.35 31.44 -14.42
CA SER B 298 9.95 30.04 -14.53
C SER B 298 8.66 30.00 -15.36
N HIS B 299 8.48 28.93 -16.11
CA HIS B 299 7.27 28.73 -16.89
C HIS B 299 6.77 27.34 -16.67
N THR B 300 5.46 27.22 -16.59
CA THR B 300 4.82 25.93 -16.56
C THR B 300 3.45 25.99 -17.22
N SER B 301 2.98 24.84 -17.68
CA SER B 301 1.62 24.68 -18.13
C SER B 301 1.15 23.26 -17.83
N LEU B 302 -0.13 23.01 -18.03
CA LEU B 302 -0.67 21.65 -17.91
C LEU B 302 0.10 20.63 -18.74
N SER B 303 0.66 21.06 -19.87
CA SER B 303 1.51 20.20 -20.71
C SER B 303 3.03 20.36 -20.51
N THR B 304 3.48 21.33 -19.70
CA THR B 304 4.90 21.64 -19.56
C THR B 304 5.34 21.62 -18.09
N PRO B 305 6.16 20.63 -17.71
CA PRO B 305 6.77 20.64 -16.40
C PRO B 305 7.48 21.97 -16.13
N PRO B 306 7.55 22.41 -14.88
CA PRO B 306 8.23 23.66 -14.55
C PRO B 306 9.64 23.71 -15.15
N ARG B 307 9.95 24.83 -15.79
CA ARG B 307 11.19 25.02 -16.51
C ARG B 307 11.63 26.48 -16.38
N ILE B 308 12.89 26.75 -16.67
CA ILE B 308 13.38 28.12 -16.69
C ILE B 308 13.44 28.59 -18.14
N VAL B 309 12.93 29.80 -18.38
CA VAL B 309 12.94 30.39 -19.72
C VAL B 309 13.31 31.87 -19.68
N SER B 310 13.76 32.36 -20.83
CA SER B 310 14.17 33.74 -21.03
C SER B 310 13.01 34.44 -21.74
N LEU B 311 12.76 35.71 -21.38
CA LEU B 311 11.67 36.51 -21.95
C LEU B 311 12.28 37.68 -22.74
N PRO B 312 11.68 38.07 -23.87
CA PRO B 312 10.36 37.62 -24.34
C PRO B 312 10.32 36.43 -25.32
N SER B 313 11.47 35.88 -25.69
CA SER B 313 11.54 34.78 -26.65
C SER B 313 10.87 33.49 -26.16
N GLY B 314 10.85 33.29 -24.85
CA GLY B 314 10.40 32.04 -24.27
C GLY B 314 11.33 30.85 -24.47
N GLU B 315 12.58 31.11 -24.84
CA GLU B 315 13.55 30.05 -25.09
C GLU B 315 13.97 29.42 -23.77
N PRO B 316 13.99 28.08 -23.70
CA PRO B 316 14.30 27.38 -22.46
C PRO B 316 15.77 27.50 -22.06
N LEU B 317 16.02 27.84 -20.81
CA LEU B 317 17.36 27.80 -20.21
C LEU B 317 17.58 26.45 -19.53
N LEU B 318 16.57 26.01 -18.77
CA LEU B 318 16.57 24.69 -18.14
C LEU B 318 15.20 24.05 -18.26
N GLU B 319 15.10 22.94 -18.97
CA GLU B 319 13.86 22.18 -19.03
C GLU B 319 14.13 20.68 -19.09
N GLY B 320 13.30 19.92 -18.38
CA GLY B 320 13.19 18.49 -18.60
C GLY B 320 12.20 18.27 -19.73
N GLY B 321 12.40 17.23 -20.52
CA GLY B 321 11.50 16.92 -21.61
C GLY B 321 10.78 15.62 -21.36
N LEU B 322 9.47 15.61 -21.59
CA LEU B 322 8.68 14.38 -21.47
C LEU B 322 8.81 13.53 -22.73
N PRO B 323 8.87 12.21 -22.58
CA PRO B 323 8.71 11.28 -23.71
C PRO B 323 7.49 11.61 -24.55
N GLU B 324 7.55 11.32 -25.85
CA GLU B 324 6.48 11.67 -26.79
C GLU B 324 5.16 10.95 -26.47
N ASP B 325 5.25 9.70 -26.00
CA ASP B 325 4.04 8.94 -25.65
C ASP B 325 3.27 9.57 -24.48
N LEU B 326 4.00 10.13 -23.51
CA LEU B 326 3.40 10.78 -22.36
C LEU B 326 2.83 12.17 -22.70
N ARG B 327 3.44 12.87 -23.65
CA ARG B 327 2.93 14.16 -24.13
C ARG B 327 1.57 13.96 -24.79
N ARG B 328 1.49 12.91 -25.62
CA ARG B 328 0.29 12.57 -26.35
C ARG B 328 -0.85 12.12 -25.43
N SER B 329 -0.50 11.53 -24.28
CA SER B 329 -1.51 11.07 -23.33
C SER B 329 -2.40 12.20 -22.82
N ILE B 330 -1.93 13.43 -22.96
CA ILE B 330 -2.72 14.63 -22.69
C ILE B 330 -3.23 15.18 -24.00
N ALA B 331 -4.50 14.94 -24.29
CA ALA B 331 -5.14 15.37 -25.54
C ALA B 331 -5.32 16.88 -25.61
N GLY B 332 -5.68 17.49 -24.48
CA GLY B 332 -5.95 18.91 -24.46
C GLY B 332 -6.40 19.38 -23.10
N SER B 333 -6.46 20.69 -22.93
CA SER B 333 -6.94 21.26 -21.69
C SER B 333 -7.89 22.38 -22.01
N ARG B 334 -8.75 22.68 -21.05
CA ARG B 334 -9.71 23.75 -21.20
C ARG B 334 -10.24 24.19 -19.85
N LEU B 335 -10.69 25.44 -19.78
CA LEU B 335 -11.31 25.99 -18.60
C LEU B 335 -12.78 26.05 -18.89
N VAL B 336 -13.57 25.48 -17.99
CA VAL B 336 -15.02 25.55 -18.06
C VAL B 336 -15.56 26.13 -16.74
N TRP B 337 -16.78 26.59 -16.79
CA TRP B 337 -17.42 27.30 -15.70
C TRP B 337 -18.66 26.50 -15.33
N VAL B 338 -18.56 25.73 -14.25
CA VAL B 338 -19.59 24.80 -13.83
C VAL B 338 -20.50 25.49 -12.85
N GLU B 339 -21.79 25.51 -13.14
CA GLU B 339 -22.77 26.07 -12.20
C GLU B 339 -22.92 25.18 -10.96
N SER B 340 -22.86 25.81 -9.79
CA SER B 340 -22.92 25.11 -8.52
C SER B 340 -24.27 25.40 -7.82
N PHE B 341 -24.38 25.04 -6.54
CA PHE B 341 -25.66 24.94 -5.83
C PHE B 341 -26.35 26.29 -5.62
N ASP B 342 -25.55 27.36 -5.58
CA ASP B 342 -26.06 28.74 -5.42
C ASP B 342 -25.95 29.56 -6.72
N GLY B 343 -25.73 28.87 -7.85
CA GLY B 343 -25.56 29.55 -9.13
C GLY B 343 -24.18 30.14 -9.38
N SER B 344 -23.27 29.99 -8.43
CA SER B 344 -21.89 30.46 -8.60
C SER B 344 -21.25 29.57 -9.67
N ARG B 345 -20.32 30.16 -10.42
CA ARG B 345 -19.66 29.43 -11.50
C ARG B 345 -18.28 29.00 -11.01
N VAL B 346 -18.06 27.70 -11.01
CA VAL B 346 -16.84 27.10 -10.48
C VAL B 346 -15.91 26.97 -11.66
N PRO B 347 -14.81 27.73 -11.65
CA PRO B 347 -13.83 27.64 -12.73
C PRO B 347 -13.08 26.32 -12.61
N THR B 348 -13.17 25.50 -13.64
CA THR B 348 -12.78 24.11 -13.58
C THR B 348 -11.89 23.80 -14.76
N TYR B 349 -10.64 23.45 -14.50
CA TYR B 349 -9.75 22.99 -15.56
C TYR B 349 -10.05 21.52 -15.87
N VAL B 350 -10.06 21.19 -17.16
CA VAL B 350 -10.34 19.85 -17.61
C VAL B 350 -9.16 19.39 -18.44
N LEU B 351 -8.51 18.32 -18.01
CA LEU B 351 -7.44 17.67 -18.75
C LEU B 351 -8.06 16.46 -19.45
N GLU B 352 -8.17 16.53 -20.76
CA GLU B 352 -8.70 15.44 -21.57
C GLU B 352 -7.56 14.46 -21.82
N SER B 353 -7.79 13.18 -21.49
CA SER B 353 -6.83 12.14 -21.79
C SER B 353 -6.95 11.66 -23.25
N GLY B 354 -5.83 11.68 -23.96
CA GLY B 354 -5.73 11.03 -25.26
C GLY B 354 -5.66 9.52 -25.16
N ARG B 355 -5.85 8.96 -23.96
CA ARG B 355 -5.87 7.51 -23.76
C ARG B 355 -7.20 7.02 -23.20
N ALA B 356 -8.23 7.85 -23.28
CA ALA B 356 -9.58 7.44 -22.89
C ALA B 356 -10.59 7.90 -23.92
N PRO B 357 -11.72 7.19 -24.03
CA PRO B 357 -12.76 7.58 -24.97
C PRO B 357 -13.53 8.72 -24.33
N THR B 358 -14.50 9.25 -25.06
CA THR B 358 -15.39 10.26 -24.53
C THR B 358 -16.81 9.81 -24.88
N PRO B 359 -17.66 9.52 -23.90
CA PRO B 359 -17.34 9.60 -22.47
C PRO B 359 -16.33 8.53 -22.04
N GLY B 360 -15.58 8.82 -20.98
CA GLY B 360 -14.58 7.91 -20.48
C GLY B 360 -14.39 8.04 -18.98
N PRO B 361 -13.59 7.15 -18.41
CA PRO B 361 -13.32 7.18 -16.97
C PRO B 361 -12.72 8.54 -16.60
N THR B 362 -13.28 9.19 -15.59
CA THR B 362 -12.94 10.57 -15.29
C THR B 362 -12.68 10.74 -13.81
N VAL B 363 -11.58 11.39 -13.46
CA VAL B 363 -11.23 11.63 -12.06
C VAL B 363 -11.40 13.12 -11.74
N VAL B 364 -12.19 13.42 -10.71
CA VAL B 364 -12.22 14.76 -10.14
C VAL B 364 -11.06 14.86 -9.17
N LEU B 365 -10.02 15.57 -9.59
CA LEU B 365 -8.78 15.69 -8.85
C LEU B 365 -8.80 16.99 -8.09
N VAL B 366 -8.97 16.89 -6.79
CA VAL B 366 -9.33 18.04 -5.98
C VAL B 366 -8.06 18.63 -5.36
N HIS B 367 -7.88 19.92 -5.55
CA HIS B 367 -6.62 20.54 -5.17
C HIS B 367 -6.56 20.75 -3.66
N GLY B 368 -5.34 20.90 -3.16
CA GLY B 368 -5.13 21.16 -1.76
C GLY B 368 -5.28 22.62 -1.42
N GLY B 369 -4.92 22.95 -0.18
CA GLY B 369 -4.81 24.30 0.31
C GLY B 369 -5.61 24.50 1.58
N PRO B 370 -6.82 25.02 1.50
CA PRO B 370 -7.58 25.21 0.27
C PRO B 370 -7.20 26.44 -0.56
N PHE B 371 -6.43 27.36 0.02
CA PHE B 371 -6.00 28.57 -0.69
C PHE B 371 -4.94 28.17 -1.68
N ALA B 372 -5.42 27.54 -2.76
CA ALA B 372 -4.61 27.13 -3.90
C ALA B 372 -5.53 27.07 -5.09
N GLU B 373 -5.00 26.71 -6.25
CA GLU B 373 -5.81 26.69 -7.46
C GLU B 373 -5.30 25.69 -8.50
N ASP B 374 -6.25 25.13 -9.24
CA ASP B 374 -6.00 24.39 -10.46
C ASP B 374 -5.92 25.41 -11.56
N SER B 375 -4.70 25.57 -12.08
CA SER B 375 -4.44 26.53 -13.14
C SER B 375 -3.90 25.78 -14.34
N ASP B 376 -3.62 26.50 -15.40
CA ASP B 376 -2.84 25.96 -16.51
C ASP B 376 -1.37 25.90 -16.07
N SER B 377 -1.07 24.91 -15.24
CA SER B 377 0.21 24.70 -14.59
C SER B 377 0.38 23.20 -14.43
N TRP B 378 1.62 22.73 -14.57
CA TRP B 378 1.91 21.30 -14.53
C TRP B 378 1.41 20.66 -13.24
N ASP B 379 0.81 19.50 -13.39
CA ASP B 379 0.28 18.74 -12.28
C ASP B 379 0.62 17.28 -12.56
N THR B 380 1.56 16.74 -11.81
CA THR B 380 2.03 15.38 -12.01
C THR B 380 0.94 14.35 -11.78
N PHE B 381 0.12 14.61 -10.76
CA PHE B 381 -1.01 13.73 -10.45
C PHE B 381 -1.94 13.67 -11.65
N ALA B 382 -2.34 14.85 -12.14
CA ALA B 382 -3.22 14.98 -13.30
C ALA B 382 -2.64 14.27 -14.51
N ALA B 383 -1.34 14.49 -14.75
CA ALA B 383 -0.63 13.86 -15.85
C ALA B 383 -0.62 12.34 -15.74
N SER B 384 -0.38 11.81 -14.54
CA SER B 384 -0.37 10.35 -14.37
C SER B 384 -1.76 9.78 -14.61
N LEU B 385 -2.79 10.49 -14.16
CA LEU B 385 -4.17 10.06 -14.42
C LEU B 385 -4.48 10.05 -15.93
N ALA B 386 -4.07 11.09 -16.66
CA ALA B 386 -4.28 11.12 -18.09
C ALA B 386 -3.49 9.99 -18.78
N ALA B 387 -2.27 9.72 -18.31
CA ALA B 387 -1.48 8.62 -18.81
C ALA B 387 -2.16 7.27 -18.60
N ALA B 388 -2.95 7.14 -17.53
CA ALA B 388 -3.56 5.88 -17.18
C ALA B 388 -4.95 5.71 -17.76
N GLY B 389 -5.37 6.60 -18.66
CA GLY B 389 -6.66 6.49 -19.30
C GLY B 389 -7.81 7.14 -18.55
N PHE B 390 -7.53 8.17 -17.77
CA PHE B 390 -8.57 8.97 -17.13
C PHE B 390 -8.54 10.42 -17.56
N HIS B 391 -9.71 10.96 -17.89
CA HIS B 391 -9.87 12.40 -17.96
C HIS B 391 -9.81 12.95 -16.55
N VAL B 392 -9.45 14.23 -16.43
CA VAL B 392 -9.24 14.86 -15.14
C VAL B 392 -9.96 16.19 -15.08
N VAL B 393 -10.81 16.32 -14.07
CA VAL B 393 -11.60 17.52 -13.81
C VAL B 393 -11.06 18.11 -12.50
N MET B 394 -10.70 19.38 -12.53
CA MET B 394 -9.96 20.02 -11.46
C MET B 394 -10.67 21.32 -11.12
N PRO B 395 -11.69 21.25 -10.25
CA PRO B 395 -12.54 22.39 -9.96
C PRO B 395 -11.97 23.38 -8.97
N ASN B 396 -11.96 24.65 -9.32
CA ASN B 396 -11.59 25.68 -8.35
C ASN B 396 -12.76 26.00 -7.44
N TYR B 397 -12.97 25.09 -6.48
CA TYR B 397 -14.00 25.23 -5.49
C TYR B 397 -13.81 26.52 -4.69
N ARG B 398 -14.87 27.07 -4.16
CA ARG B 398 -14.73 28.27 -3.33
C ARG B 398 -13.75 27.98 -2.18
N GLY B 399 -12.86 28.93 -1.92
CA GLY B 399 -11.68 28.71 -1.12
C GLY B 399 -10.43 28.84 -1.98
N SER B 400 -10.59 28.61 -3.28
CA SER B 400 -9.47 28.63 -4.22
C SER B 400 -8.91 30.04 -4.36
N THR B 401 -7.64 30.12 -4.73
CA THR B 401 -7.03 31.37 -5.17
C THR B 401 -7.32 31.55 -6.66
N GLY B 402 -7.02 32.74 -7.18
CA GLY B 402 -6.99 32.98 -8.60
C GLY B 402 -8.20 33.67 -9.18
N TYR B 403 -9.25 33.82 -8.37
CA TYR B 403 -10.57 34.26 -8.83
C TYR B 403 -11.22 35.31 -7.93
N GLY B 404 -10.41 35.94 -7.10
CA GLY B 404 -10.83 37.04 -6.27
C GLY B 404 -10.93 36.65 -4.81
N GLU B 405 -10.78 37.65 -3.97
CA GLU B 405 -10.96 37.53 -2.53
C GLU B 405 -12.29 36.91 -2.16
N GLU B 406 -13.37 37.36 -2.79
CA GLU B 406 -14.71 36.92 -2.38
C GLU B 406 -14.84 35.39 -2.53
N TRP B 407 -14.48 34.88 -3.70
CA TRP B 407 -14.54 33.45 -3.97
C TRP B 407 -13.64 32.70 -3.01
N ARG B 408 -12.45 33.23 -2.77
CA ARG B 408 -11.51 32.59 -1.87
C ARG B 408 -12.01 32.55 -0.41
N LEU B 409 -12.67 33.60 0.05
CA LEU B 409 -13.00 33.71 1.47
C LEU B 409 -14.31 32.99 1.80
N LYS B 410 -15.04 32.56 0.78
CA LYS B 410 -16.32 31.90 0.97
C LYS B 410 -16.18 30.59 1.74
N ILE B 411 -14.99 29.95 1.68
CA ILE B 411 -14.76 28.71 2.40
C ILE B 411 -14.68 28.87 3.91
N ILE B 412 -14.31 30.07 4.37
CA ILE B 412 -14.08 30.33 5.78
C ILE B 412 -15.36 30.07 6.58
N GLY B 413 -15.21 29.25 7.61
CA GLY B 413 -16.32 28.88 8.46
C GLY B 413 -17.17 27.75 7.88
N ASP B 414 -16.82 27.26 6.69
CA ASP B 414 -17.68 26.34 5.95
C ASP B 414 -16.93 25.19 5.23
N PRO B 415 -16.00 24.53 5.90
CA PRO B 415 -15.35 23.35 5.31
C PRO B 415 -16.38 22.21 5.19
N CYS B 416 -16.30 21.41 4.14
CA CYS B 416 -17.31 20.39 3.89
C CYS B 416 -18.69 21.04 3.82
N GLY B 417 -18.76 22.10 3.02
CA GLY B 417 -19.97 22.85 2.79
C GLY B 417 -20.04 23.21 1.32
N GLY B 418 -19.97 24.51 1.03
CA GLY B 418 -20.09 24.97 -0.34
C GLY B 418 -19.03 24.47 -1.28
N GLU B 419 -17.79 24.37 -0.80
CA GLU B 419 -16.67 23.92 -1.62
C GLU B 419 -16.92 22.49 -2.09
N LEU B 420 -17.52 21.67 -1.23
CA LEU B 420 -17.82 20.30 -1.58
C LEU B 420 -18.94 20.28 -2.61
N GLU B 421 -19.92 21.18 -2.46
CA GLU B 421 -20.96 21.31 -3.47
C GLU B 421 -20.36 21.67 -4.83
N ASP B 422 -19.36 22.55 -4.85
CA ASP B 422 -18.67 22.91 -6.08
C ASP B 422 -17.96 21.69 -6.68
N VAL B 423 -17.29 20.95 -5.82
CA VAL B 423 -16.63 19.72 -6.26
C VAL B 423 -17.67 18.74 -6.80
N SER B 424 -18.84 18.66 -6.16
CA SER B 424 -19.90 17.76 -6.62
C SER B 424 -20.52 18.22 -7.93
N ALA B 425 -20.63 19.54 -8.08
CA ALA B 425 -21.16 20.16 -9.28
C ALA B 425 -20.26 19.89 -10.48
N ALA B 426 -18.94 19.96 -10.29
CA ALA B 426 -17.99 19.63 -11.36
C ALA B 426 -18.13 18.17 -11.75
N ALA B 427 -18.35 17.32 -10.75
CA ALA B 427 -18.50 15.90 -10.99
C ALA B 427 -19.73 15.65 -11.87
N ARG B 428 -20.87 16.19 -11.44
CA ARG B 428 -22.13 16.05 -12.19
C ARG B 428 -22.02 16.67 -13.57
N TRP B 429 -21.32 17.80 -13.69
CA TRP B 429 -21.07 18.39 -15.01
C TRP B 429 -20.28 17.44 -15.91
N ALA B 430 -19.27 16.77 -15.37
CA ALA B 430 -18.46 15.85 -16.16
C ALA B 430 -19.32 14.70 -16.75
N ARG B 431 -20.31 14.27 -15.97
CA ARG B 431 -21.27 13.27 -16.44
C ARG B 431 -22.25 13.88 -17.44
N GLU B 432 -22.90 14.96 -17.05
CA GLU B 432 -23.98 15.58 -17.82
C GLU B 432 -23.49 16.15 -19.17
N SER B 433 -22.27 16.68 -19.18
CA SER B 433 -21.67 17.22 -20.41
C SER B 433 -21.19 16.13 -21.39
N GLY B 434 -21.17 14.87 -20.96
CA GLY B 434 -20.80 13.76 -21.83
C GLY B 434 -19.31 13.39 -21.78
N LEU B 435 -18.56 14.03 -20.90
CA LEU B 435 -17.13 13.76 -20.76
C LEU B 435 -16.84 12.41 -20.07
N ALA B 436 -17.60 12.10 -19.04
CA ALA B 436 -17.29 11.01 -18.11
C ALA B 436 -18.29 9.89 -18.25
N SER B 437 -17.80 8.66 -18.38
CA SER B 437 -18.62 7.45 -18.39
C SER B 437 -18.76 6.96 -16.95
N GLU B 438 -17.77 7.32 -16.14
CA GLU B 438 -17.78 7.01 -14.71
C GLU B 438 -16.91 8.03 -13.98
N LEU B 439 -17.13 8.16 -12.68
CA LEU B 439 -16.55 9.24 -11.90
C LEU B 439 -15.82 8.76 -10.67
N TYR B 440 -14.61 9.27 -10.50
CA TYR B 440 -13.83 9.06 -9.31
C TYR B 440 -13.44 10.40 -8.72
N ILE B 441 -13.11 10.38 -7.44
CA ILE B 441 -12.55 11.53 -6.77
C ILE B 441 -11.20 11.15 -6.18
N MET B 442 -10.27 12.11 -6.22
CA MET B 442 -8.95 11.91 -5.71
C MET B 442 -8.43 13.25 -5.25
N GLY B 443 -7.64 13.23 -4.17
CA GLY B 443 -7.11 14.45 -3.65
C GLY B 443 -6.05 14.20 -2.63
N TYR B 444 -5.14 15.16 -2.51
CA TYR B 444 -4.04 15.14 -1.55
CA TYR B 444 -4.13 15.07 -1.49
C TYR B 444 -4.23 16.31 -0.61
N SER B 445 -4.04 16.09 0.69
CA SER B 445 -4.12 17.14 1.70
C SER B 445 -5.56 17.65 1.85
N TYR B 446 -5.84 18.93 1.58
CA TYR B 446 -7.23 19.40 1.58
C TYR B 446 -8.04 18.68 0.53
N GLY B 447 -7.39 18.25 -0.55
CA GLY B 447 -8.01 17.40 -1.54
C GLY B 447 -8.46 16.04 -1.05
N GLY B 448 -7.65 15.43 -0.21
CA GLY B 448 -7.96 14.15 0.41
C GLY B 448 -9.13 14.27 1.38
N TYR B 449 -9.14 15.37 2.15
CA TYR B 449 -10.27 15.74 2.98
C TYR B 449 -11.53 15.78 2.14
N MET B 450 -11.44 16.41 0.97
CA MET B 450 -12.57 16.44 0.04
C MET B 450 -12.99 15.05 -0.45
N THR B 451 -12.03 14.15 -0.67
CA THR B 451 -12.39 12.78 -1.01
C THR B 451 -13.24 12.19 0.11
N LEU B 452 -12.74 12.30 1.34
CA LEU B 452 -13.42 11.72 2.49
C LEU B 452 -14.82 12.34 2.69
N CYS B 453 -14.91 13.63 2.46
CA CYS B 453 -16.14 14.38 2.62
C CYS B 453 -17.12 14.01 1.54
N ALA B 454 -16.62 13.76 0.33
CA ALA B 454 -17.48 13.39 -0.78
C ALA B 454 -18.04 12.01 -0.55
N LEU B 455 -17.20 11.08 -0.11
CA LEU B 455 -17.67 9.70 0.09
C LEU B 455 -18.58 9.53 1.31
N THR B 456 -18.41 10.41 2.30
CA THR B 456 -19.25 10.39 3.49
C THR B 456 -20.57 11.15 3.30
N MET B 457 -20.50 12.35 2.72
CA MET B 457 -21.66 13.23 2.55
C MET B 457 -22.40 13.03 1.25
N LYS B 458 -21.70 12.60 0.21
CA LYS B 458 -22.29 12.35 -1.11
C LYS B 458 -22.12 10.88 -1.58
N PRO B 459 -22.57 9.90 -0.80
CA PRO B 459 -22.43 8.50 -1.21
C PRO B 459 -23.13 8.26 -2.55
N GLY B 460 -22.50 7.53 -3.47
CA GLY B 460 -23.12 7.23 -4.76
C GLY B 460 -22.81 8.23 -5.87
N LEU B 461 -22.26 9.40 -5.51
CA LEU B 461 -21.76 10.35 -6.49
C LEU B 461 -20.58 9.78 -7.24
N PHE B 462 -19.58 9.28 -6.52
CA PHE B 462 -18.37 8.74 -7.13
C PHE B 462 -18.41 7.20 -7.06
N LYS B 463 -17.66 6.54 -7.92
CA LYS B 463 -17.54 5.08 -7.92
C LYS B 463 -16.55 4.59 -6.85
N ALA B 464 -15.53 5.42 -6.61
CA ALA B 464 -14.48 5.19 -5.64
C ALA B 464 -13.73 6.48 -5.41
N GLY B 465 -12.99 6.57 -4.31
CA GLY B 465 -12.21 7.74 -3.98
C GLY B 465 -10.80 7.42 -3.47
N VAL B 466 -9.86 8.32 -3.73
CA VAL B 466 -8.51 8.24 -3.18
C VAL B 466 -8.30 9.45 -2.29
N ALA B 467 -7.88 9.20 -1.05
CA ALA B 467 -7.66 10.26 -0.08
C ALA B 467 -6.24 10.18 0.40
N GLY B 468 -5.41 11.11 -0.08
CA GLY B 468 -4.00 11.12 0.24
C GLY B 468 -3.67 12.22 1.21
N ALA B 469 -2.89 11.89 2.25
CA ALA B 469 -2.45 12.85 3.26
C ALA B 469 -3.60 13.76 3.68
N SER B 470 -4.68 13.14 4.15
CA SER B 470 -5.96 13.77 4.30
C SER B 470 -6.10 14.46 5.63
N VAL B 471 -6.89 15.54 5.66
CA VAL B 471 -7.56 15.96 6.88
C VAL B 471 -8.68 14.92 7.11
N VAL B 472 -8.75 14.44 8.34
CA VAL B 472 -9.64 13.37 8.75
C VAL B 472 -10.54 13.86 9.86
N ASP B 473 -9.93 14.54 10.83
CA ASP B 473 -10.63 15.07 11.97
C ASP B 473 -10.00 16.38 12.40
N TRP B 474 -10.70 17.49 12.16
CA TRP B 474 -10.27 18.80 12.65
C TRP B 474 -9.97 18.80 14.14
N GLU B 475 -10.75 18.07 14.93
CA GLU B 475 -10.59 18.06 16.39
C GLU B 475 -9.29 17.42 16.86
N GLU B 476 -9.07 16.14 16.55
CA GLU B 476 -7.85 15.47 16.95
C GLU B 476 -6.62 16.12 16.30
N MET B 477 -6.77 16.62 15.09
CA MET B 477 -5.66 17.26 14.39
C MET B 477 -5.22 18.51 15.12
N TYR B 478 -6.19 19.29 15.58
CA TYR B 478 -5.92 20.48 16.38
C TYR B 478 -5.03 20.17 17.59
N GLU B 479 -5.34 19.07 18.28
CA GLU B 479 -4.61 18.62 19.46
C GLU B 479 -3.14 18.29 19.17
N LEU B 480 -2.87 17.87 17.94
CA LEU B 480 -1.53 17.47 17.51
C LEU B 480 -0.77 18.50 16.67
N SER B 481 -1.35 19.69 16.48
CA SER B 481 -0.80 20.69 15.56
C SER B 481 0.08 21.72 16.26
N ASP B 482 1.01 22.28 15.49
CA ASP B 482 1.87 23.35 15.97
C ASP B 482 1.09 24.68 15.91
N ALA B 483 1.74 25.76 16.31
CA ALA B 483 1.07 27.05 16.47
C ALA B 483 0.48 27.57 15.17
N ALA B 484 1.14 27.33 14.05
CA ALA B 484 0.64 27.79 12.77
C ALA B 484 -0.61 27.03 12.40
N PHE B 485 -0.53 25.71 12.51
CA PHE B 485 -1.63 24.87 12.06
C PHE B 485 -2.84 24.98 12.97
N ARG B 486 -2.63 25.18 14.25
CA ARG B 486 -3.73 25.39 15.18
C ARG B 486 -4.50 26.62 14.78
N ASN B 487 -3.77 27.69 14.46
CA ASN B 487 -4.36 28.96 14.07
C ASN B 487 -5.10 28.82 12.77
N PHE B 488 -4.47 28.18 11.78
CA PHE B 488 -5.11 27.98 10.48
C PHE B 488 -6.39 27.15 10.58
N ILE B 489 -6.39 26.10 11.41
CA ILE B 489 -7.61 25.35 11.68
C ILE B 489 -8.68 26.27 12.30
N GLU B 490 -8.30 27.08 13.27
CA GLU B 490 -9.21 28.07 13.84
C GLU B 490 -9.83 28.96 12.74
N GLN B 491 -9.02 29.41 11.80
CA GLN B 491 -9.49 30.30 10.76
C GLN B 491 -10.48 29.57 9.86
N LEU B 492 -10.06 28.44 9.29
CA LEU B 492 -10.90 27.64 8.39
C LEU B 492 -12.21 27.22 9.01
N THR B 493 -12.22 26.88 10.31
CA THR B 493 -13.43 26.41 10.98
C THR B 493 -14.21 27.52 11.66
N GLY B 494 -13.72 28.75 11.59
CA GLY B 494 -14.34 29.87 12.29
C GLY B 494 -14.33 29.81 13.80
N GLY B 495 -13.47 28.98 14.38
CA GLY B 495 -13.39 28.81 15.82
C GLY B 495 -14.57 28.03 16.37
N SER B 496 -15.30 27.36 15.48
CA SER B 496 -16.53 26.68 15.84
C SER B 496 -16.22 25.22 16.11
N ARG B 497 -16.52 24.80 17.33
CA ARG B 497 -16.38 23.42 17.76
C ARG B 497 -17.34 22.53 16.97
N GLU B 498 -18.57 23.02 16.76
CA GLU B 498 -19.56 22.30 15.95
C GLU B 498 -19.03 22.06 14.54
N ILE B 499 -18.34 23.05 13.95
CA ILE B 499 -17.82 22.86 12.61
C ILE B 499 -16.73 21.79 12.61
N MET B 500 -15.83 21.86 13.59
CA MET B 500 -14.69 20.93 13.65
C MET B 500 -15.15 19.46 13.75
N ARG B 501 -16.28 19.22 14.40
CA ARG B 501 -16.83 17.89 14.59
C ARG B 501 -17.69 17.48 13.42
N SER B 502 -18.69 18.29 13.11
CA SER B 502 -19.66 17.95 12.06
C SER B 502 -19.05 17.91 10.66
N ARG B 503 -17.98 18.67 10.43
CA ARG B 503 -17.34 18.70 9.11
C ARG B 503 -16.16 17.73 9.03
N SER B 504 -15.94 16.93 10.07
CA SER B 504 -14.89 15.93 10.05
C SER B 504 -15.47 14.62 9.58
N PRO B 505 -14.92 14.10 8.50
CA PRO B 505 -15.48 12.88 7.87
C PRO B 505 -15.38 11.65 8.76
N ILE B 506 -14.44 11.62 9.69
CA ILE B 506 -14.34 10.51 10.63
C ILE B 506 -15.63 10.29 11.43
N ASN B 507 -16.49 11.31 11.46
CA ASN B 507 -17.75 11.22 12.20
C ASN B 507 -18.94 10.81 11.34
N HIS B 508 -18.70 10.47 10.08
CA HIS B 508 -19.74 10.09 9.14
C HIS B 508 -19.39 8.81 8.35
N VAL B 509 -18.55 7.97 8.93
CA VAL B 509 -18.06 6.78 8.25
C VAL B 509 -19.20 5.80 7.90
N ASP B 510 -20.26 5.78 8.71
CA ASP B 510 -21.36 4.85 8.43
C ASP B 510 -22.03 5.14 7.10
N ARG B 511 -21.99 6.41 6.66
CA ARG B 511 -22.57 6.80 5.38
C ARG B 511 -21.80 6.31 4.14
N ILE B 512 -20.55 5.88 4.30
CA ILE B 512 -19.73 5.47 3.16
C ILE B 512 -20.26 4.19 2.51
N LYS B 513 -20.42 4.26 1.19
CA LYS B 513 -20.82 3.10 0.37
C LYS B 513 -19.81 2.72 -0.70
N GLU B 514 -18.80 3.56 -0.96
CA GLU B 514 -17.89 3.30 -2.06
C GLU B 514 -16.50 2.92 -1.56
N PRO B 515 -15.77 2.13 -2.37
CA PRO B 515 -14.38 1.80 -2.07
C PRO B 515 -13.55 3.04 -1.89
N LEU B 516 -12.69 3.00 -0.89
CA LEU B 516 -11.86 4.14 -0.52
C LEU B 516 -10.41 3.68 -0.44
N ALA B 517 -9.49 4.42 -1.04
CA ALA B 517 -8.08 4.17 -0.83
C ALA B 517 -7.48 5.31 -0.03
N LEU B 518 -6.79 4.96 1.05
CA LEU B 518 -6.09 5.90 1.90
C LEU B 518 -4.59 5.80 1.68
N ILE B 519 -3.96 6.94 1.45
CA ILE B 519 -2.51 7.01 1.28
C ILE B 519 -2.05 8.09 2.24
N HIS B 520 -1.06 7.78 3.07
CA HIS B 520 -0.64 8.68 4.12
C HIS B 520 0.80 8.47 4.53
N PRO B 521 1.61 9.53 4.50
CA PRO B 521 3.00 9.42 5.00
C PRO B 521 3.02 9.41 6.53
N GLN B 522 3.78 8.51 7.12
CA GLN B 522 3.66 8.24 8.56
C GLN B 522 4.06 9.41 9.46
N ASN B 523 4.99 10.25 9.00
CA ASN B 523 5.50 11.35 9.80
C ASN B 523 4.96 12.71 9.42
N ASP B 524 3.82 12.70 8.73
CA ASP B 524 3.13 13.91 8.38
C ASP B 524 2.83 14.75 9.64
N SER B 525 3.29 16.00 9.65
CA SER B 525 3.05 16.88 10.78
C SER B 525 2.03 17.96 10.45
N ARG B 526 1.53 17.96 9.22
CA ARG B 526 0.43 18.83 8.81
C ARG B 526 -0.91 18.11 9.01
N THR B 527 -1.06 16.99 8.34
CA THR B 527 -2.23 16.14 8.42
C THR B 527 -1.72 14.85 9.04
N PRO B 528 -1.81 14.72 10.36
CA PRO B 528 -1.10 13.65 11.04
C PRO B 528 -1.73 12.30 10.75
N LEU B 529 -0.91 11.25 10.89
CA LEU B 529 -1.34 9.85 10.69
C LEU B 529 -2.34 9.40 11.75
N LYS B 530 -2.20 9.88 12.98
CA LYS B 530 -3.00 9.36 14.09
C LYS B 530 -4.51 9.28 13.83
N PRO B 531 -5.17 10.36 13.41
CA PRO B 531 -6.58 10.29 13.02
C PRO B 531 -6.85 9.36 11.84
N LEU B 532 -5.93 9.26 10.90
CA LEU B 532 -6.07 8.26 9.83
C LEU B 532 -6.17 6.81 10.35
N LEU B 533 -5.39 6.45 11.36
CA LEU B 533 -5.48 5.11 11.97
C LEU B 533 -6.83 4.86 12.61
N ARG B 534 -7.37 5.91 13.20
CA ARG B 534 -8.67 5.85 13.84
C ARG B 534 -9.76 5.71 12.78
N LEU B 535 -9.58 6.39 11.65
CA LEU B 535 -10.49 6.24 10.51
C LEU B 535 -10.49 4.80 10.01
N MET B 536 -9.31 4.20 9.90
CA MET B 536 -9.21 2.80 9.49
C MET B 536 -9.93 1.88 10.48
N GLY B 537 -9.84 2.20 11.76
CA GLY B 537 -10.54 1.42 12.77
C GLY B 537 -12.03 1.54 12.60
N GLU B 538 -12.48 2.72 12.18
CA GLU B 538 -13.92 2.95 11.96
C GLU B 538 -14.42 2.26 10.71
N LEU B 539 -13.64 2.32 9.64
CA LEU B 539 -13.98 1.61 8.41
C LEU B 539 -14.06 0.11 8.69
N LEU B 540 -13.09 -0.42 9.43
CA LEU B 540 -13.09 -1.84 9.79
C LEU B 540 -14.35 -2.23 10.59
N ALA B 541 -14.56 -1.54 11.70
CA ALA B 541 -15.66 -1.88 12.61
C ALA B 541 -17.00 -1.77 11.90
N ARG B 542 -17.10 -0.92 10.87
CA ARG B 542 -18.37 -0.71 10.17
C ARG B 542 -18.46 -1.48 8.84
N GLY B 543 -17.52 -2.38 8.60
CA GLY B 543 -17.59 -3.29 7.47
C GLY B 543 -17.43 -2.61 6.14
N LYS B 544 -16.72 -1.49 6.11
CA LYS B 544 -16.49 -0.75 4.88
C LYS B 544 -15.27 -1.28 4.14
N THR B 545 -15.42 -1.33 2.83
CA THR B 545 -14.33 -1.57 1.92
C THR B 545 -13.29 -0.45 1.96
N PHE B 546 -12.04 -0.80 2.26
CA PHE B 546 -10.97 0.18 2.15
C PHE B 546 -9.62 -0.46 1.93
N GLU B 547 -8.77 0.32 1.26
CA GLU B 547 -7.37 0.04 1.03
C GLU B 547 -6.57 1.15 1.72
N ALA B 548 -5.38 0.81 2.25
CA ALA B 548 -4.53 1.83 2.87
C ALA B 548 -3.06 1.60 2.55
N HIS B 549 -2.31 2.67 2.39
CA HIS B 549 -0.89 2.62 2.16
C HIS B 549 -0.26 3.74 3.00
N ILE B 550 0.55 3.35 3.97
CA ILE B 550 1.24 4.28 4.83
C ILE B 550 2.70 4.24 4.38
N ILE B 551 3.25 5.42 4.11
CA ILE B 551 4.59 5.55 3.57
C ILE B 551 5.55 5.78 4.75
N PRO B 552 6.67 5.07 4.76
CA PRO B 552 7.63 5.17 5.87
C PRO B 552 8.57 6.36 5.77
N ASP B 553 8.95 6.89 6.92
CA ASP B 553 9.98 7.92 7.01
C ASP B 553 9.70 9.05 6.04
N ALA B 554 8.45 9.45 5.97
CA ALA B 554 8.07 10.57 5.12
C ALA B 554 6.92 11.31 5.74
N GLY B 555 6.81 12.57 5.36
CA GLY B 555 5.75 13.45 5.82
C GLY B 555 5.07 14.12 4.63
N HIS B 556 4.51 15.29 4.84
CA HIS B 556 3.65 15.90 3.84
C HIS B 556 4.36 16.39 2.58
N ALA B 557 5.61 16.79 2.73
CA ALA B 557 6.39 17.39 1.64
C ALA B 557 7.26 16.33 1.02
N ILE B 558 6.91 15.90 -0.18
CA ILE B 558 7.69 14.88 -0.87
C ILE B 558 8.81 15.52 -1.65
N ASN B 559 10.04 15.07 -1.40
CA ASN B 559 11.25 15.61 -2.04
C ASN B 559 12.18 14.56 -2.64
N THR B 560 11.67 13.34 -2.81
CA THR B 560 12.38 12.31 -3.55
C THR B 560 11.45 11.60 -4.51
N MET B 561 12.03 11.04 -5.55
CA MET B 561 11.28 10.29 -6.52
C MET B 561 10.63 9.08 -5.88
N GLU B 562 11.33 8.40 -4.99
CA GLU B 562 10.83 7.14 -4.46
C GLU B 562 9.66 7.36 -3.52
N ASP B 563 9.65 8.50 -2.85
CA ASP B 563 8.51 8.89 -2.03
C ASP B 563 7.37 9.41 -2.90
N ALA B 564 7.69 10.10 -4.00
CA ALA B 564 6.65 10.55 -4.93
C ALA B 564 5.93 9.33 -5.49
N VAL B 565 6.68 8.28 -5.84
CA VAL B 565 6.11 7.06 -6.37
C VAL B 565 5.23 6.36 -5.33
N LYS B 566 5.70 6.35 -4.09
CA LYS B 566 4.96 5.67 -3.01
C LYS B 566 3.62 6.34 -2.75
N ILE B 567 3.54 7.63 -3.07
CA ILE B 567 2.35 8.40 -2.84
C ILE B 567 1.38 8.27 -4.01
N LEU B 568 1.91 8.22 -5.24
CA LEU B 568 1.08 8.31 -6.43
C LEU B 568 0.76 6.95 -7.03
N LEU B 569 1.74 6.07 -7.10
CA LEU B 569 1.52 4.74 -7.66
C LEU B 569 0.27 4.02 -7.15
N PRO B 570 0.09 3.90 -5.83
CA PRO B 570 -1.05 3.15 -5.31
C PRO B 570 -2.39 3.81 -5.66
N ALA B 571 -2.43 5.14 -5.72
CA ALA B 571 -3.62 5.84 -6.18
C ALA B 571 -3.98 5.48 -7.64
N VAL B 572 -3.00 5.51 -8.55
CA VAL B 572 -3.26 5.15 -9.95
C VAL B 572 -3.64 3.67 -10.11
N PHE B 573 -2.96 2.80 -9.38
CA PHE B 573 -3.28 1.37 -9.37
C PHE B 573 -4.71 1.12 -8.94
N PHE B 574 -5.09 1.76 -7.84
CA PHE B 574 -6.41 1.59 -7.24
C PHE B 574 -7.49 1.99 -8.22
N LEU B 575 -7.33 3.15 -8.86
CA LEU B 575 -8.36 3.64 -9.78
C LEU B 575 -8.41 2.78 -11.04
N ALA B 576 -7.26 2.35 -11.52
CA ALA B 576 -7.18 1.47 -12.69
C ALA B 576 -7.86 0.14 -12.42
N THR B 577 -7.74 -0.28 -11.17
CA THR B 577 -8.33 -1.53 -10.73
C THR B 577 -9.83 -1.39 -10.65
N GLN B 578 -10.26 -0.22 -10.22
CA GLN B 578 -11.69 0.09 -10.08
C GLN B 578 -12.36 0.13 -11.43
N ARG B 579 -11.61 0.57 -12.43
CA ARG B 579 -12.13 0.71 -13.76
C ARG B 579 -12.42 -0.66 -14.43
N GLU B 580 -11.82 -1.72 -13.91
CA GLU B 580 -12.21 -3.10 -14.27
C GLU B 580 -13.52 -3.51 -13.61
N ARG B 581 -13.78 -2.94 -12.43
CA ARG B 581 -15.10 -2.89 -11.74
C ARG B 581 -15.00 -3.36 -10.28
#